data_8SUI
#
_entry.id   8SUI
#
_cell.length_a   58.807
_cell.length_b   83.334
_cell.length_c   95.568
_cell.angle_alpha   90.00
_cell.angle_beta   91.68
_cell.angle_gamma   90.00
#
_symmetry.space_group_name_H-M   'P 1 21 1'
#
loop_
_entity.id
_entity.type
_entity.pdbx_description
1 polymer 'Serine hydroxymethyltransferase'
2 non-polymer 'SULFATE ION'
3 non-polymer SERINE
4 water water
#
_entity_poly.entity_id   1
_entity_poly.type   'polypeptide(L)'
_entity_poly.pdbx_seq_one_letter_code
;STLKRDEALFELIALEEKRQREGLELIASENFVSKQVREAVGSVLTNKYAEGYPGARYYGGCEVIDRVESLAIERAKALF
GAAWANVQPHSGSQANMAVYMALMEPGDTLMGMDLAAGGHLTHGSRVNFSGKLYKVVSYGVRPDTELIDLEEVRRLALEH
RPKVIVAGASAYPRFWDFKAFREIADEVGAYLVVDMAHFAGLVAAGLHPNPLPYAHVVTSTTH(LLP)TLRGPRGGLILS
NDPELGKRIDKLIFPGIQGGPLEHVIAGKAVAFFEALQPEFKEYSRLVVENAKRLAEELARRGYRIVTGGTDNHLFLVDL
RPKGLTGKEAEERLDAVGITVNKNAIPFDPKPPRVTSGIRIGTPAITTRGFTPEEMPLVAELIDRALLEGPSEALREEVR
RLALAHPMP
;
_entity_poly.pdbx_strand_id   A,B
#
# COMPACT_ATOMS: atom_id res chain seq x y z
N LYS A 4 12.18 23.33 -8.87
CA LYS A 4 12.85 23.73 -7.60
C LYS A 4 13.01 22.49 -6.71
N ARG A 5 14.24 22.18 -6.32
CA ARG A 5 14.49 21.01 -5.49
C ARG A 5 14.01 21.22 -4.05
N ASP A 6 13.42 20.18 -3.47
CA ASP A 6 12.93 20.23 -2.10
C ASP A 6 14.12 19.96 -1.17
N GLU A 7 14.94 20.99 -0.98
CA GLU A 7 16.15 20.86 -0.17
C GLU A 7 15.88 20.38 1.25
N ALA A 8 14.81 20.87 1.85
CA ALA A 8 14.49 20.50 3.21
C ALA A 8 14.29 19.01 3.33
N LEU A 9 13.49 18.46 2.43
CA LEU A 9 13.19 17.03 2.45
C LEU A 9 14.45 16.19 2.19
N PHE A 10 15.23 16.55 1.18
CA PHE A 10 16.45 15.80 0.88
C PHE A 10 17.53 15.86 1.94
N GLU A 11 17.54 16.92 2.74
CA GLU A 11 18.49 17.04 3.84
C GLU A 11 18.13 15.96 4.89
N LEU A 12 16.84 15.72 5.09
CA LEU A 12 16.37 14.70 6.03
C LEU A 12 16.71 13.30 5.52
N ILE A 13 16.60 13.09 4.20
CA ILE A 13 16.92 11.78 3.63
C ILE A 13 18.39 11.46 3.88
N ALA A 14 19.26 12.48 3.73
CA ALA A 14 20.68 12.30 3.99
C ALA A 14 20.95 11.95 5.47
N LEU A 15 20.25 12.63 6.38
CA LEU A 15 20.40 12.34 7.80
C LEU A 15 19.98 10.90 8.13
N GLU A 16 18.92 10.42 7.49
CA GLU A 16 18.44 9.07 7.75
C GLU A 16 19.44 8.05 7.25
N GLU A 17 20.09 8.33 6.11
CA GLU A 17 21.10 7.43 5.57
C GLU A 17 22.26 7.37 6.53
N LYS A 18 22.66 8.53 7.05
CA LYS A 18 23.76 8.58 8.00
C LYS A 18 23.37 7.77 9.23
N ARG A 19 22.13 7.91 9.67
CA ARG A 19 21.67 7.19 10.85
C ARG A 19 21.77 5.69 10.61
N GLN A 20 21.29 5.23 9.47
CA GLN A 20 21.33 3.82 9.12
C GLN A 20 22.75 3.28 9.08
N ARG A 21 23.67 4.05 8.51
CA ARG A 21 25.07 3.61 8.42
C ARG A 21 25.75 3.48 9.78
N GLU A 22 25.51 4.43 10.68
CA GLU A 22 26.20 4.47 11.97
C GLU A 22 25.61 3.70 13.14
N GLY A 23 24.53 2.96 12.91
CA GLY A 23 23.94 2.21 14.02
C GLY A 23 23.85 0.73 13.76
N LEU A 24 23.52 -0.03 14.80
CA LEU A 24 23.34 -1.48 14.68
C LEU A 24 21.86 -1.75 14.79
N GLU A 25 21.26 -2.17 13.68
CA GLU A 25 19.83 -2.46 13.63
C GLU A 25 19.59 -3.91 14.02
N LEU A 26 19.04 -4.13 15.21
CA LEU A 26 18.77 -5.48 15.70
C LEU A 26 17.28 -5.83 15.78
N ILE A 27 16.42 -4.96 15.24
CA ILE A 27 14.98 -5.24 15.22
C ILE A 27 14.76 -6.33 14.19
N ALA A 28 14.22 -7.46 14.65
CA ALA A 28 14.03 -8.65 13.82
C ALA A 28 13.30 -8.48 12.50
N SER A 29 12.44 -7.48 12.41
CA SER A 29 11.67 -7.29 11.20
C SER A 29 12.35 -6.42 10.17
N GLU A 30 13.56 -5.95 10.48
CA GLU A 30 14.25 -5.05 9.56
C GLU A 30 15.24 -5.74 8.64
N ASN A 31 15.60 -5.03 7.60
CA ASN A 31 16.59 -5.47 6.64
C ASN A 31 16.99 -4.26 5.79
N PHE A 32 17.97 -4.45 4.92
CA PHE A 32 18.45 -3.40 4.04
C PHE A 32 18.34 -3.94 2.60
N VAL A 33 17.55 -3.28 1.75
CA VAL A 33 17.37 -3.71 0.37
C VAL A 33 18.53 -3.30 -0.52
N SER A 34 18.69 -4.00 -1.63
CA SER A 34 19.78 -3.73 -2.56
C SER A 34 19.49 -2.46 -3.36
N LYS A 35 20.52 -1.98 -4.04
CA LYS A 35 20.41 -0.81 -4.88
C LYS A 35 19.40 -1.06 -6.01
N GLN A 36 19.47 -2.24 -6.64
CA GLN A 36 18.56 -2.53 -7.75
C GLN A 36 17.09 -2.66 -7.35
N VAL A 37 16.82 -3.02 -6.09
CA VAL A 37 15.43 -3.06 -5.63
C VAL A 37 14.90 -1.61 -5.53
N ARG A 38 15.72 -0.72 -4.98
CA ARG A 38 15.31 0.67 -4.89
C ARG A 38 15.15 1.29 -6.27
N GLU A 39 16.02 0.89 -7.20
CA GLU A 39 15.98 1.42 -8.56
C GLU A 39 14.62 1.11 -9.21
N ALA A 40 14.15 -0.12 -9.02
CA ALA A 40 12.86 -0.53 -9.57
C ALA A 40 11.71 0.23 -8.91
N VAL A 41 11.77 0.38 -7.60
CA VAL A 41 10.75 1.08 -6.83
C VAL A 41 10.69 2.55 -7.18
N GLY A 42 11.83 3.11 -7.55
CA GLY A 42 11.86 4.51 -7.93
C GLY A 42 11.69 4.70 -9.44
N SER A 43 11.17 3.68 -10.13
CA SER A 43 11.00 3.74 -11.57
C SER A 43 9.72 4.44 -12.02
N VAL A 44 9.60 4.65 -13.33
CA VAL A 44 8.42 5.30 -13.91
C VAL A 44 7.19 4.41 -13.94
N LEU A 45 7.31 3.18 -13.47
CA LEU A 45 6.17 2.26 -13.47
C LEU A 45 5.07 2.75 -12.53
N THR A 46 5.42 3.67 -11.63
CA THR A 46 4.45 4.25 -10.71
C THR A 46 3.42 5.06 -11.49
N ASN A 47 3.76 5.52 -12.68
CA ASN A 47 2.85 6.34 -13.48
C ASN A 47 1.71 5.58 -14.15
N LYS A 48 1.72 4.25 -14.10
CA LYS A 48 0.68 3.49 -14.76
C LYS A 48 -0.45 2.96 -13.87
N TYR A 49 -1.69 3.20 -14.30
CA TYR A 49 -2.85 2.65 -13.62
C TYR A 49 -3.05 1.33 -14.30
N ALA A 50 -3.10 0.26 -13.51
CA ALA A 50 -3.22 -1.08 -14.07
C ALA A 50 -4.18 -1.99 -13.27
N GLU A 51 -5.35 -1.47 -12.93
CA GLU A 51 -6.31 -2.28 -12.19
C GLU A 51 -6.64 -3.52 -13.01
N GLY A 52 -6.86 -4.61 -12.29
CA GLY A 52 -7.16 -5.89 -12.92
C GLY A 52 -5.92 -6.77 -12.82
N TYR A 53 -5.81 -7.74 -13.71
CA TYR A 53 -4.69 -8.69 -13.70
C TYR A 53 -4.13 -8.81 -15.12
N PRO A 54 -2.96 -9.45 -15.27
CA PRO A 54 -2.35 -9.57 -16.60
C PRO A 54 -3.32 -10.13 -17.63
N GLY A 55 -3.39 -9.47 -18.78
CA GLY A 55 -4.28 -9.91 -19.83
C GLY A 55 -5.74 -9.52 -19.64
N ALA A 56 -6.06 -8.99 -18.46
CA ALA A 56 -7.43 -8.57 -18.15
C ALA A 56 -7.46 -7.28 -17.31
N ARG A 57 -7.03 -6.17 -17.91
CA ARG A 57 -6.98 -4.89 -17.23
C ARG A 57 -8.17 -3.99 -17.57
N TYR A 58 -8.33 -2.93 -16.78
CA TYR A 58 -9.41 -1.96 -16.95
C TYR A 58 -8.93 -0.71 -17.71
N TYR A 59 -7.69 -0.75 -18.19
CA TYR A 59 -7.10 0.37 -18.96
C TYR A 59 -6.20 -0.13 -20.08
N GLY A 60 -5.97 0.69 -21.09
CA GLY A 60 -5.07 0.30 -22.16
C GLY A 60 -3.64 0.63 -21.76
N GLY A 61 -2.68 0.29 -22.61
CA GLY A 61 -1.29 0.60 -22.33
C GLY A 61 -0.59 -0.26 -21.29
N CYS A 62 -1.19 -1.37 -20.91
CA CYS A 62 -0.60 -2.24 -19.90
C CYS A 62 0.28 -3.39 -20.43
N GLU A 63 0.53 -3.45 -21.74
CA GLU A 63 1.32 -4.51 -22.35
C GLU A 63 2.66 -4.83 -21.68
N VAL A 64 3.43 -3.82 -21.31
CA VAL A 64 4.72 -4.06 -20.65
C VAL A 64 4.49 -4.42 -19.19
N ILE A 65 3.65 -3.65 -18.51
CA ILE A 65 3.29 -3.89 -17.10
C ILE A 65 2.84 -5.36 -16.90
N ASP A 66 2.09 -5.90 -17.86
CA ASP A 66 1.66 -7.28 -17.76
C ASP A 66 2.85 -8.24 -17.71
N ARG A 67 3.90 -7.94 -18.48
CA ARG A 67 5.08 -8.75 -18.50
C ARG A 67 5.83 -8.60 -17.17
N VAL A 68 5.76 -7.41 -16.58
CA VAL A 68 6.41 -7.19 -15.29
C VAL A 68 5.71 -8.02 -14.21
N GLU A 69 4.40 -7.84 -14.05
CA GLU A 69 3.64 -8.57 -13.04
C GLU A 69 3.68 -10.09 -13.21
N SER A 70 3.60 -10.57 -14.45
CA SER A 70 3.66 -12.01 -14.72
C SER A 70 5.03 -12.56 -14.31
N LEU A 71 6.07 -11.76 -14.53
CA LEU A 71 7.43 -12.15 -14.20
C LEU A 71 7.52 -12.34 -12.68
N ALA A 72 6.95 -11.39 -11.92
CA ALA A 72 6.97 -11.47 -10.47
C ALA A 72 6.19 -12.68 -9.99
N ILE A 73 5.05 -12.94 -10.61
CA ILE A 73 4.21 -14.08 -10.25
C ILE A 73 4.93 -15.41 -10.49
N GLU A 74 5.50 -15.59 -11.68
CA GLU A 74 6.20 -16.83 -12.01
C GLU A 74 7.44 -17.06 -11.14
N ARG A 75 8.19 -16.01 -10.85
CA ARG A 75 9.37 -16.15 -9.99
C ARG A 75 8.96 -16.49 -8.56
N ALA A 76 7.82 -15.97 -8.10
CA ALA A 76 7.34 -16.26 -6.76
C ALA A 76 6.93 -17.73 -6.70
N LYS A 77 6.31 -18.21 -7.77
CA LYS A 77 5.88 -19.61 -7.82
C LYS A 77 7.07 -20.58 -7.87
N ALA A 78 8.11 -20.22 -8.60
CA ALA A 78 9.29 -21.07 -8.68
C ALA A 78 10.07 -21.05 -7.36
N LEU A 79 10.17 -19.86 -6.77
CA LEU A 79 10.89 -19.70 -5.51
C LEU A 79 10.32 -20.51 -4.33
N PHE A 80 9.01 -20.44 -4.13
CA PHE A 80 8.34 -21.11 -3.03
C PHE A 80 7.64 -22.45 -3.34
N GLY A 81 7.59 -22.84 -4.61
CA GLY A 81 6.93 -24.08 -4.98
C GLY A 81 5.42 -23.95 -4.87
N ALA A 82 4.87 -22.95 -5.53
CA ALA A 82 3.43 -22.69 -5.50
C ALA A 82 2.77 -22.79 -6.86
N ALA A 83 1.46 -22.98 -6.85
CA ALA A 83 0.67 -23.11 -8.08
C ALA A 83 0.01 -21.80 -8.47
N TRP A 84 -0.12 -20.90 -7.51
CA TRP A 84 -0.76 -19.62 -7.73
C TRP A 84 -0.12 -18.57 -6.85
N ALA A 85 -0.22 -17.32 -7.27
CA ALA A 85 0.32 -16.21 -6.49
C ALA A 85 -0.34 -14.92 -6.87
N ASN A 86 -0.40 -14.00 -5.90
CA ASN A 86 -0.94 -12.67 -6.13
C ASN A 86 0.13 -11.75 -5.56
N VAL A 87 0.68 -10.87 -6.40
CA VAL A 87 1.75 -9.99 -6.00
C VAL A 87 1.28 -8.56 -5.80
N GLN A 88 -0.03 -8.32 -5.88
CA GLN A 88 -0.58 -6.97 -5.72
C GLN A 88 -0.79 -6.40 -4.30
N PRO A 89 -0.81 -7.22 -3.23
CA PRO A 89 -1.06 -6.59 -1.93
C PRO A 89 -0.06 -5.50 -1.53
N HIS A 90 -0.59 -4.33 -1.14
CA HIS A 90 0.22 -3.17 -0.74
C HIS A 90 1.10 -3.45 0.49
N SER A 91 0.69 -4.41 1.30
CA SER A 91 1.38 -4.75 2.54
C SER A 91 0.99 -6.14 3.03
N GLY A 92 1.58 -6.53 4.16
CA GLY A 92 1.25 -7.80 4.78
C GLY A 92 -0.17 -7.77 5.31
N SER A 93 -0.57 -6.65 5.88
CA SER A 93 -1.90 -6.45 6.44
C SER A 93 -2.98 -6.59 5.37
N GLN A 94 -2.74 -6.04 4.17
CA GLN A 94 -3.71 -6.14 3.08
C GLN A 94 -3.78 -7.56 2.54
N ALA A 95 -2.68 -8.28 2.61
CA ALA A 95 -2.66 -9.66 2.14
C ALA A 95 -3.54 -10.51 3.07
N ASN A 96 -3.43 -10.30 4.38
CA ASN A 96 -4.24 -11.04 5.34
C ASN A 96 -5.68 -10.63 5.28
N MET A 97 -5.92 -9.34 5.10
CA MET A 97 -7.29 -8.83 5.03
C MET A 97 -8.03 -9.47 3.86
N ALA A 98 -7.37 -9.53 2.70
CA ALA A 98 -7.98 -10.11 1.51
C ALA A 98 -8.30 -11.58 1.71
N VAL A 99 -7.42 -12.31 2.38
CA VAL A 99 -7.63 -13.74 2.61
C VAL A 99 -8.78 -13.98 3.60
N TYR A 100 -8.85 -13.18 4.66
CA TYR A 100 -9.91 -13.32 5.64
C TYR A 100 -11.27 -13.06 5.02
N MET A 101 -11.34 -12.01 4.21
CA MET A 101 -12.61 -11.63 3.57
C MET A 101 -13.06 -12.60 2.50
N ALA A 102 -12.13 -13.38 1.96
CA ALA A 102 -12.48 -14.36 0.93
C ALA A 102 -12.95 -15.66 1.57
N LEU A 103 -12.48 -15.93 2.78
CA LEU A 103 -12.79 -17.17 3.46
C LEU A 103 -13.86 -17.07 4.55
N MET A 104 -14.09 -15.87 5.07
CA MET A 104 -15.06 -15.66 6.14
C MET A 104 -16.05 -14.53 5.87
N GLU A 105 -17.14 -14.55 6.61
CA GLU A 105 -18.13 -13.48 6.59
C GLU A 105 -18.03 -12.80 7.95
N PRO A 106 -18.35 -11.50 8.05
CA PRO A 106 -18.25 -10.85 9.37
C PRO A 106 -19.03 -11.64 10.42
N GLY A 107 -18.46 -11.80 11.61
CA GLY A 107 -19.14 -12.57 12.64
C GLY A 107 -18.53 -13.95 12.79
N ASP A 108 -17.88 -14.46 11.74
CA ASP A 108 -17.25 -15.77 11.81
C ASP A 108 -16.15 -15.77 12.87
N THR A 109 -15.67 -16.95 13.23
CA THR A 109 -14.63 -17.10 14.24
C THR A 109 -13.23 -17.33 13.66
N LEU A 110 -12.29 -16.51 14.09
CA LEU A 110 -10.90 -16.56 13.67
C LEU A 110 -10.05 -17.01 14.85
N MET A 111 -9.11 -17.91 14.60
CA MET A 111 -8.23 -18.40 15.65
C MET A 111 -6.79 -18.06 15.27
N GLY A 112 -6.11 -17.35 16.17
CA GLY A 112 -4.74 -16.96 15.92
C GLY A 112 -3.91 -16.95 17.20
N MET A 113 -2.62 -16.68 17.07
CA MET A 113 -1.76 -16.65 18.23
C MET A 113 -1.94 -15.36 18.99
N ASP A 114 -2.05 -15.49 20.30
CA ASP A 114 -2.21 -14.33 21.16
C ASP A 114 -1.08 -13.33 20.97
N LEU A 115 -1.44 -12.06 20.90
CA LEU A 115 -0.50 -10.98 20.72
C LEU A 115 0.60 -11.00 21.79
N ALA A 116 0.22 -11.30 23.04
CA ALA A 116 1.18 -11.33 24.13
C ALA A 116 2.15 -12.50 23.99
N ALA A 117 1.69 -13.55 23.31
CA ALA A 117 2.52 -14.75 23.13
C ALA A 117 3.37 -14.69 21.86
N GLY A 118 3.22 -13.64 21.07
CA GLY A 118 4.00 -13.53 19.85
C GLY A 118 3.22 -13.33 18.56
N GLY A 119 1.89 -13.39 18.63
CA GLY A 119 1.08 -13.22 17.44
C GLY A 119 1.20 -11.81 16.88
N HIS A 120 0.65 -11.61 15.68
CA HIS A 120 0.69 -10.31 15.04
C HIS A 120 -0.65 -9.60 15.21
N LEU A 121 -0.63 -8.26 15.13
CA LEU A 121 -1.86 -7.47 15.25
C LEU A 121 -2.99 -8.01 14.39
N THR A 122 -2.67 -8.45 13.18
CA THR A 122 -3.68 -8.96 12.26
C THR A 122 -4.14 -10.38 12.52
N HIS A 123 -3.69 -10.98 13.63
CA HIS A 123 -4.08 -12.34 13.97
C HIS A 123 -5.22 -12.37 15.00
N GLY A 124 -5.89 -11.24 15.19
CA GLY A 124 -7.00 -11.19 16.13
C GLY A 124 -7.08 -10.08 17.17
N SER A 125 -6.20 -9.09 17.09
CA SER A 125 -6.20 -7.99 18.04
C SER A 125 -7.50 -7.19 17.95
N ARG A 126 -8.02 -6.77 19.11
CA ARG A 126 -9.27 -6.02 19.17
C ARG A 126 -9.21 -4.62 18.57
N VAL A 127 -8.01 -4.04 18.47
CA VAL A 127 -7.85 -2.71 17.90
C VAL A 127 -7.57 -2.82 16.41
N ASN A 128 -7.47 -4.05 15.93
CA ASN A 128 -7.20 -4.32 14.52
C ASN A 128 -8.48 -4.84 13.84
N PHE A 129 -8.56 -4.67 12.52
CA PHE A 129 -9.73 -5.11 11.76
C PHE A 129 -10.09 -6.57 12.00
N SER A 130 -9.06 -7.40 12.24
CA SER A 130 -9.28 -8.82 12.47
C SER A 130 -10.17 -9.03 13.69
N GLY A 131 -9.89 -8.28 14.76
CA GLY A 131 -10.69 -8.39 15.98
C GLY A 131 -11.99 -7.58 15.99
N LYS A 132 -12.18 -6.72 14.99
CA LYS A 132 -13.39 -5.90 14.92
C LYS A 132 -14.50 -6.60 14.11
N LEU A 133 -14.10 -7.19 12.99
CA LEU A 133 -15.02 -7.89 12.09
C LEU A 133 -15.30 -9.33 12.47
N TYR A 134 -14.37 -9.98 13.17
CA TYR A 134 -14.52 -11.39 13.49
C TYR A 134 -14.45 -11.70 15.00
N LYS A 135 -14.99 -12.84 15.40
CA LYS A 135 -14.93 -13.26 16.79
C LYS A 135 -13.59 -13.97 16.86
N VAL A 136 -12.79 -13.64 17.86
CA VAL A 136 -11.45 -14.17 17.97
C VAL A 136 -11.20 -15.13 19.13
N VAL A 137 -10.42 -16.17 18.85
CA VAL A 137 -10.03 -17.15 19.83
C VAL A 137 -8.51 -17.23 19.69
N SER A 138 -7.79 -17.09 20.79
CA SER A 138 -6.35 -17.05 20.75
C SER A 138 -5.66 -18.20 21.45
N TYR A 139 -4.47 -18.54 20.97
CA TYR A 139 -3.66 -19.58 21.58
C TYR A 139 -2.30 -18.97 21.87
N GLY A 140 -1.60 -19.50 22.86
CA GLY A 140 -0.30 -18.96 23.21
C GLY A 140 0.76 -20.02 23.38
N VAL A 141 1.61 -19.81 24.38
CA VAL A 141 2.66 -20.76 24.68
C VAL A 141 2.47 -21.26 26.11
N ARG A 142 3.09 -22.39 26.43
CA ARG A 142 3.00 -22.97 27.75
C ARG A 142 4.03 -22.31 28.65
N PRO A 143 3.68 -22.08 29.93
CA PRO A 143 4.64 -21.44 30.83
C PRO A 143 5.86 -22.30 31.08
N ASP A 144 5.66 -23.61 31.05
CA ASP A 144 6.76 -24.53 31.32
C ASP A 144 7.68 -24.82 30.15
N THR A 145 7.10 -24.99 28.97
CA THR A 145 7.91 -25.28 27.77
C THR A 145 8.34 -24.01 27.01
N GLU A 146 7.50 -22.97 27.08
CA GLU A 146 7.71 -21.71 26.37
C GLU A 146 7.45 -21.92 24.88
N LEU A 147 6.81 -23.06 24.57
CA LEU A 147 6.48 -23.42 23.20
C LEU A 147 4.98 -23.56 23.04
N ILE A 148 4.54 -23.64 21.79
CA ILE A 148 3.14 -23.84 21.47
C ILE A 148 2.78 -25.25 21.91
N ASP A 149 1.55 -25.42 22.39
CA ASP A 149 1.06 -26.73 22.79
C ASP A 149 -0.05 -27.11 21.82
N LEU A 150 0.25 -28.01 20.90
CA LEU A 150 -0.72 -28.42 19.91
C LEU A 150 -1.99 -29.05 20.48
N GLU A 151 -1.94 -29.55 21.71
CA GLU A 151 -3.11 -30.19 22.29
C GLU A 151 -4.04 -29.11 22.80
N GLU A 152 -3.45 -28.01 23.22
CA GLU A 152 -4.20 -26.83 23.67
C GLU A 152 -4.87 -26.22 22.43
N VAL A 153 -4.13 -26.18 21.33
CA VAL A 153 -4.63 -25.64 20.07
C VAL A 153 -5.82 -26.48 19.59
N ARG A 154 -5.66 -27.79 19.66
CA ARG A 154 -6.70 -28.71 19.23
C ARG A 154 -7.95 -28.53 20.07
N ARG A 155 -7.76 -28.46 21.38
CA ARG A 155 -8.85 -28.31 22.30
C ARG A 155 -9.67 -27.07 21.95
N LEU A 156 -8.99 -25.94 21.83
CA LEU A 156 -9.64 -24.69 21.48
C LEU A 156 -10.38 -24.82 20.15
N ALA A 157 -9.77 -25.50 19.18
CA ALA A 157 -10.38 -25.68 17.87
C ALA A 157 -11.71 -26.43 17.95
N LEU A 158 -11.71 -27.57 18.64
CA LEU A 158 -12.91 -28.38 18.79
C LEU A 158 -13.99 -27.65 19.57
N GLU A 159 -13.58 -26.84 20.53
CA GLU A 159 -14.49 -26.11 21.38
C GLU A 159 -15.10 -24.86 20.75
N HIS A 160 -14.33 -24.16 19.92
CA HIS A 160 -14.81 -22.93 19.30
C HIS A 160 -15.15 -23.03 17.82
N ARG A 161 -14.66 -24.09 17.18
CA ARG A 161 -14.95 -24.31 15.77
C ARG A 161 -14.68 -23.06 14.92
N PRO A 162 -13.42 -22.64 14.82
CA PRO A 162 -13.11 -21.47 14.01
C PRO A 162 -13.25 -21.78 12.52
N LYS A 163 -13.58 -20.76 11.74
CA LYS A 163 -13.69 -20.92 10.30
C LYS A 163 -12.27 -20.90 9.73
N VAL A 164 -11.40 -20.15 10.39
CA VAL A 164 -10.01 -20.00 9.98
C VAL A 164 -9.03 -20.09 11.14
N ILE A 165 -7.96 -20.85 10.93
CA ILE A 165 -6.91 -20.98 11.93
C ILE A 165 -5.63 -20.43 11.29
N VAL A 166 -5.01 -19.48 11.96
CA VAL A 166 -3.79 -18.87 11.46
C VAL A 166 -2.59 -19.40 12.22
N ALA A 167 -1.58 -19.80 11.46
CA ALA A 167 -0.32 -20.27 12.01
C ALA A 167 0.71 -19.25 11.53
N GLY A 168 1.74 -18.99 12.34
CA GLY A 168 2.72 -18.00 11.99
C GLY A 168 2.62 -16.90 13.02
N ALA A 169 3.72 -16.22 13.28
CA ALA A 169 3.75 -15.17 14.29
C ALA A 169 4.83 -14.16 14.00
N SER A 170 4.95 -13.14 14.85
CA SER A 170 5.97 -12.13 14.62
C SER A 170 7.10 -12.25 15.64
N ALA A 171 6.89 -13.04 16.69
CA ALA A 171 7.91 -13.21 17.71
C ALA A 171 7.93 -14.61 18.30
N TYR A 172 8.05 -15.63 17.43
CA TYR A 172 8.11 -17.03 17.88
C TYR A 172 9.43 -17.58 17.38
N PRO A 173 10.32 -17.96 18.30
CA PRO A 173 11.67 -18.38 17.88
C PRO A 173 11.89 -19.81 17.42
N ARG A 174 10.86 -20.63 17.32
CA ARG A 174 11.06 -22.01 16.89
C ARG A 174 10.26 -22.38 15.64
N PHE A 175 10.57 -23.54 15.08
CA PHE A 175 9.87 -24.04 13.91
C PHE A 175 8.41 -24.30 14.24
N TRP A 176 7.58 -24.31 13.20
CA TRP A 176 6.15 -24.59 13.33
C TRP A 176 5.88 -25.95 12.70
N ASP A 177 4.97 -26.72 13.28
CA ASP A 177 4.60 -28.02 12.73
C ASP A 177 3.34 -27.81 11.88
N PHE A 178 3.54 -27.48 10.61
CA PHE A 178 2.41 -27.21 9.72
C PHE A 178 1.50 -28.41 9.49
N LYS A 179 2.09 -29.60 9.46
CA LYS A 179 1.31 -30.81 9.24
C LYS A 179 0.29 -30.99 10.39
N ALA A 180 0.76 -30.79 11.62
CA ALA A 180 -0.10 -30.91 12.80
C ALA A 180 -1.22 -29.88 12.73
N PHE A 181 -0.88 -28.67 12.33
CA PHE A 181 -1.87 -27.61 12.23
C PHE A 181 -2.97 -27.93 11.21
N ARG A 182 -2.58 -28.50 10.08
CA ARG A 182 -3.54 -28.86 9.04
C ARG A 182 -4.44 -30.00 9.53
N GLU A 183 -3.89 -30.92 10.31
CA GLU A 183 -4.69 -32.03 10.84
C GLU A 183 -5.79 -31.48 11.73
N ILE A 184 -5.43 -30.53 12.57
CA ILE A 184 -6.36 -29.88 13.46
C ILE A 184 -7.45 -29.15 12.66
N ALA A 185 -7.03 -28.41 11.64
CA ALA A 185 -7.94 -27.66 10.78
C ALA A 185 -8.94 -28.57 10.08
N ASP A 186 -8.46 -29.69 9.54
CA ASP A 186 -9.32 -30.64 8.84
C ASP A 186 -10.35 -31.22 9.82
N GLU A 187 -9.89 -31.52 11.03
CA GLU A 187 -10.75 -32.11 12.04
C GLU A 187 -11.97 -31.23 12.31
N VAL A 188 -11.80 -29.91 12.24
CA VAL A 188 -12.93 -29.01 12.49
C VAL A 188 -13.49 -28.32 11.25
N GLY A 189 -12.99 -28.72 10.09
CA GLY A 189 -13.49 -28.14 8.84
C GLY A 189 -13.05 -26.70 8.60
N ALA A 190 -11.98 -26.28 9.25
CA ALA A 190 -11.48 -24.92 9.08
C ALA A 190 -10.39 -24.83 8.03
N TYR A 191 -10.15 -23.62 7.58
CA TYR A 191 -9.10 -23.33 6.62
C TYR A 191 -7.84 -23.04 7.42
N LEU A 192 -6.70 -23.52 6.96
CA LEU A 192 -5.42 -23.22 7.62
C LEU A 192 -4.73 -22.15 6.81
N VAL A 193 -4.46 -21.01 7.44
CA VAL A 193 -3.77 -19.92 6.79
C VAL A 193 -2.46 -19.75 7.53
N VAL A 194 -1.37 -19.74 6.78
CA VAL A 194 -0.06 -19.55 7.35
C VAL A 194 0.47 -18.18 6.93
N ASP A 195 0.83 -17.38 7.92
CA ASP A 195 1.38 -16.06 7.67
C ASP A 195 2.88 -16.25 7.92
N MET A 196 3.66 -16.37 6.85
CA MET A 196 5.09 -16.61 6.99
C MET A 196 5.93 -15.36 6.85
N ALA A 197 5.29 -14.19 6.88
CA ALA A 197 6.00 -12.95 6.70
C ALA A 197 7.41 -12.91 7.30
N HIS A 198 7.51 -13.25 8.58
CA HIS A 198 8.79 -13.19 9.27
C HIS A 198 9.84 -14.14 8.74
N PHE A 199 9.46 -15.39 8.51
CA PHE A 199 10.41 -16.41 8.07
C PHE A 199 10.40 -16.77 6.58
N ALA A 200 9.71 -15.97 5.77
CA ALA A 200 9.65 -16.22 4.32
C ALA A 200 11.03 -16.42 3.68
N GLY A 201 11.99 -15.57 4.04
CA GLY A 201 13.32 -15.69 3.47
C GLY A 201 13.96 -17.03 3.79
N LEU A 202 13.71 -17.53 4.99
CA LEU A 202 14.27 -18.79 5.41
C LEU A 202 13.62 -19.93 4.66
N VAL A 203 12.32 -19.79 4.41
CA VAL A 203 11.58 -20.80 3.67
C VAL A 203 12.11 -20.87 2.25
N ALA A 204 12.33 -19.70 1.66
CA ALA A 204 12.83 -19.65 0.30
C ALA A 204 14.22 -20.29 0.20
N ALA A 205 15.02 -20.16 1.26
CA ALA A 205 16.36 -20.72 1.27
C ALA A 205 16.35 -22.19 1.72
N GLY A 206 15.15 -22.72 1.99
CA GLY A 206 15.02 -24.11 2.42
C GLY A 206 15.54 -24.39 3.82
N LEU A 207 15.62 -23.34 4.64
CA LEU A 207 16.13 -23.47 6.01
C LEU A 207 15.02 -23.51 7.04
N HIS A 208 13.78 -23.56 6.57
CA HIS A 208 12.62 -23.60 7.44
C HIS A 208 11.55 -24.42 6.73
N PRO A 209 10.79 -25.26 7.46
CA PRO A 209 9.74 -26.05 6.83
C PRO A 209 8.82 -25.17 5.96
N ASN A 210 8.52 -25.63 4.75
CA ASN A 210 7.67 -24.89 3.82
C ASN A 210 6.18 -25.17 4.11
N PRO A 211 5.36 -24.12 4.31
CA PRO A 211 3.93 -24.30 4.60
C PRO A 211 3.04 -24.54 3.38
N LEU A 212 3.57 -24.33 2.18
CA LEU A 212 2.78 -24.49 0.95
C LEU A 212 1.92 -25.77 0.87
N PRO A 213 2.53 -26.94 1.11
CA PRO A 213 1.72 -28.16 0.98
C PRO A 213 0.63 -28.36 2.03
N TYR A 214 0.76 -27.74 3.20
CA TYR A 214 -0.18 -27.97 4.28
C TYR A 214 -1.25 -26.92 4.51
N ALA A 215 -0.93 -25.67 4.19
CA ALA A 215 -1.90 -24.60 4.38
C ALA A 215 -2.78 -24.49 3.14
N HIS A 216 -3.97 -23.94 3.32
CA HIS A 216 -4.85 -23.70 2.19
C HIS A 216 -4.35 -22.44 1.50
N VAL A 217 -3.85 -21.51 2.30
CA VAL A 217 -3.34 -20.23 1.81
C VAL A 217 -2.16 -19.78 2.63
N VAL A 218 -1.19 -19.14 1.98
CA VAL A 218 -0.02 -18.63 2.67
C VAL A 218 0.12 -17.15 2.35
N THR A 219 0.33 -16.33 3.37
CA THR A 219 0.50 -14.91 3.17
C THR A 219 1.89 -14.52 3.63
N SER A 220 2.34 -13.36 3.19
CA SER A 220 3.66 -12.91 3.56
C SER A 220 3.88 -11.46 3.15
N THR A 221 4.98 -10.92 3.66
CA THR A 221 5.44 -9.61 3.28
C THR A 221 6.59 -9.93 2.31
N THR A 222 6.99 -8.97 1.49
CA THR A 222 8.11 -9.16 0.58
C THR A 222 9.38 -8.62 1.24
N HIS A 223 9.20 -7.81 2.28
CA HIS A 223 10.35 -7.31 3.01
C HIS A 223 10.54 -8.25 4.20
N THR A 225 12.84 -11.07 6.20
CA THR A 225 13.91 -12.01 5.83
C THR A 225 14.04 -12.21 4.32
N LEU A 226 12.96 -11.92 3.57
CA LEU A 226 12.99 -12.06 2.12
C LEU A 226 13.78 -10.90 1.51
N ARG A 227 14.04 -9.87 2.32
CA ARG A 227 14.85 -8.73 1.94
C ARG A 227 14.37 -7.97 0.68
N GLY A 228 13.07 -7.90 0.48
CA GLY A 228 12.54 -7.20 -0.68
C GLY A 228 11.94 -5.87 -0.30
N PRO A 229 11.23 -5.22 -1.23
CA PRO A 229 10.60 -3.94 -0.90
C PRO A 229 9.40 -4.16 -0.01
N ARG A 230 8.92 -3.10 0.62
CA ARG A 230 7.77 -3.20 1.50
C ARG A 230 6.51 -3.52 0.70
N GLY A 231 5.85 -4.62 1.06
CA GLY A 231 4.64 -5.01 0.36
C GLY A 231 4.19 -6.40 0.79
N GLY A 232 3.08 -6.86 0.20
CA GLY A 232 2.55 -8.17 0.53
C GLY A 232 2.60 -9.18 -0.60
N LEU A 233 2.24 -10.41 -0.25
CA LEU A 233 2.26 -11.52 -1.16
C LEU A 233 1.30 -12.62 -0.67
N ILE A 234 0.70 -13.34 -1.61
CA ILE A 234 -0.20 -14.43 -1.27
C ILE A 234 0.17 -15.58 -2.19
N LEU A 235 0.18 -16.79 -1.64
CA LEU A 235 0.54 -18.00 -2.39
C LEU A 235 -0.41 -19.11 -2.02
N SER A 236 -0.50 -20.11 -2.88
CA SER A 236 -1.35 -21.25 -2.59
C SER A 236 -1.02 -22.38 -3.57
N ASN A 237 -1.40 -23.59 -3.19
CA ASN A 237 -1.21 -24.74 -4.05
C ASN A 237 -2.56 -25.05 -4.72
N ASP A 238 -3.53 -24.17 -4.49
CA ASP A 238 -4.87 -24.35 -5.05
C ASP A 238 -5.34 -23.15 -5.90
N PRO A 239 -5.18 -23.24 -7.22
CA PRO A 239 -5.56 -22.18 -8.16
C PRO A 239 -7.03 -21.71 -8.08
N GLU A 240 -7.95 -22.62 -7.76
CA GLU A 240 -9.37 -22.26 -7.65
C GLU A 240 -9.58 -21.31 -6.50
N LEU A 241 -8.98 -21.63 -5.36
CA LEU A 241 -9.05 -20.77 -4.19
C LEU A 241 -8.35 -19.45 -4.56
N GLY A 242 -7.23 -19.55 -5.28
CA GLY A 242 -6.52 -18.37 -5.72
C GLY A 242 -7.38 -17.41 -6.51
N LYS A 243 -8.17 -17.92 -7.45
CA LYS A 243 -9.05 -17.09 -8.26
C LYS A 243 -10.02 -16.33 -7.38
N ARG A 244 -10.47 -16.98 -6.30
CA ARG A 244 -11.40 -16.32 -5.39
C ARG A 244 -10.69 -15.18 -4.62
N ILE A 245 -9.44 -15.42 -4.24
CA ILE A 245 -8.68 -14.42 -3.52
C ILE A 245 -8.28 -13.27 -4.44
N ASP A 246 -8.07 -13.53 -5.72
CA ASP A 246 -7.73 -12.47 -6.65
C ASP A 246 -8.84 -11.43 -6.68
N LYS A 247 -10.10 -11.87 -6.61
CA LYS A 247 -11.23 -10.96 -6.64
C LYS A 247 -11.31 -10.08 -5.39
N LEU A 248 -10.83 -10.60 -4.26
CA LEU A 248 -10.84 -9.82 -3.01
C LEU A 248 -9.77 -8.73 -2.99
N ILE A 249 -8.66 -8.96 -3.67
CA ILE A 249 -7.60 -7.97 -3.75
C ILE A 249 -8.13 -6.87 -4.67
N PHE A 250 -8.69 -7.28 -5.81
CA PHE A 250 -9.28 -6.32 -6.74
C PHE A 250 -10.42 -7.00 -7.51
N PRO A 251 -11.61 -6.37 -7.54
CA PRO A 251 -11.99 -5.08 -6.95
C PRO A 251 -12.37 -5.06 -5.46
N GLY A 252 -12.11 -6.14 -4.75
CA GLY A 252 -12.46 -6.23 -3.34
C GLY A 252 -11.95 -5.18 -2.36
N ILE A 253 -10.63 -5.12 -2.13
CA ILE A 253 -10.12 -4.16 -1.15
C ILE A 253 -9.16 -3.10 -1.65
N GLN A 254 -8.54 -3.31 -2.81
CA GLN A 254 -7.60 -2.34 -3.35
C GLN A 254 -8.08 -1.79 -4.69
N GLY A 255 -7.36 -0.79 -5.17
CA GLY A 255 -7.66 -0.19 -6.45
C GLY A 255 -6.47 -0.46 -7.35
N GLY A 256 -5.79 0.59 -7.80
CA GLY A 256 -4.62 0.42 -8.64
C GLY A 256 -3.46 -0.19 -7.86
N PRO A 257 -2.77 -1.19 -8.43
CA PRO A 257 -1.64 -1.78 -7.72
C PRO A 257 -0.39 -0.90 -7.91
N LEU A 258 0.62 -1.09 -7.06
CA LEU A 258 1.85 -0.31 -7.15
C LEU A 258 2.84 -1.08 -8.03
N GLU A 259 2.70 -0.94 -9.35
CA GLU A 259 3.56 -1.70 -10.28
C GLU A 259 5.07 -1.46 -10.14
N HIS A 260 5.46 -0.28 -9.64
CA HIS A 260 6.86 0.01 -9.40
C HIS A 260 7.33 -0.86 -8.24
N VAL A 261 6.43 -1.10 -7.28
CA VAL A 261 6.79 -1.94 -6.13
C VAL A 261 6.80 -3.42 -6.55
N ILE A 262 5.87 -3.78 -7.42
CA ILE A 262 5.82 -5.15 -7.94
C ILE A 262 7.07 -5.45 -8.76
N ALA A 263 7.61 -4.43 -9.44
CA ALA A 263 8.84 -4.62 -10.19
C ALA A 263 9.94 -4.90 -9.15
N GLY A 264 9.88 -4.19 -8.03
CA GLY A 264 10.84 -4.40 -6.98
C GLY A 264 10.75 -5.79 -6.38
N LYS A 265 9.55 -6.33 -6.35
CA LYS A 265 9.30 -7.66 -5.81
C LYS A 265 9.90 -8.71 -6.74
N ALA A 266 9.79 -8.46 -8.04
CA ALA A 266 10.36 -9.34 -9.03
C ALA A 266 11.87 -9.41 -8.83
N VAL A 267 12.51 -8.25 -8.64
CA VAL A 267 13.95 -8.19 -8.41
C VAL A 267 14.33 -8.96 -7.15
N ALA A 268 13.58 -8.74 -6.06
CA ALA A 268 13.84 -9.44 -4.80
C ALA A 268 13.72 -10.96 -4.98
N PHE A 269 12.74 -11.41 -5.76
CA PHE A 269 12.57 -12.84 -6.00
C PHE A 269 13.76 -13.33 -6.83
N PHE A 270 14.23 -12.49 -7.76
CA PHE A 270 15.38 -12.84 -8.58
C PHE A 270 16.60 -13.04 -7.66
N GLU A 271 16.79 -12.12 -6.72
CA GLU A 271 17.93 -12.20 -5.79
C GLU A 271 17.84 -13.43 -4.90
N ALA A 272 16.63 -13.78 -4.50
CA ALA A 272 16.42 -14.95 -3.62
C ALA A 272 16.60 -16.29 -4.32
N LEU A 273 16.51 -16.29 -5.64
CA LEU A 273 16.69 -17.50 -6.43
C LEU A 273 18.15 -17.80 -6.73
N GLN A 274 19.04 -16.90 -6.34
CA GLN A 274 20.47 -17.09 -6.58
C GLN A 274 21.08 -17.86 -5.41
N PRO A 275 22.08 -18.71 -5.70
CA PRO A 275 22.74 -19.48 -4.64
C PRO A 275 23.27 -18.62 -3.47
N GLU A 276 23.67 -17.39 -3.76
CA GLU A 276 24.19 -16.51 -2.72
C GLU A 276 23.14 -16.21 -1.64
N PHE A 277 21.86 -16.25 -1.99
CA PHE A 277 20.83 -15.94 -0.99
C PHE A 277 20.79 -17.05 0.06
N LYS A 278 21.08 -18.27 -0.37
CA LYS A 278 21.05 -19.39 0.54
C LYS A 278 22.18 -19.27 1.57
N GLU A 279 23.33 -18.78 1.13
CA GLU A 279 24.48 -18.59 2.01
C GLU A 279 24.17 -17.47 2.99
N TYR A 280 23.54 -16.41 2.48
CA TYR A 280 23.15 -15.28 3.32
C TYR A 280 22.24 -15.78 4.44
N SER A 281 21.16 -16.51 4.04
CA SER A 281 20.19 -17.02 5.01
C SER A 281 20.81 -18.00 6.00
N ARG A 282 21.80 -18.78 5.55
CA ARG A 282 22.47 -19.70 6.46
C ARG A 282 23.16 -18.88 7.55
N LEU A 283 23.79 -17.78 7.14
CA LEU A 283 24.49 -16.89 8.06
C LEU A 283 23.56 -16.17 9.04
N VAL A 284 22.37 -15.81 8.56
CA VAL A 284 21.38 -15.16 9.41
C VAL A 284 21.08 -16.05 10.61
N VAL A 285 20.79 -17.32 10.33
CA VAL A 285 20.49 -18.29 11.38
C VAL A 285 21.70 -18.58 12.27
N GLU A 286 22.88 -18.68 11.70
CA GLU A 286 24.07 -18.93 12.50
C GLU A 286 24.40 -17.74 13.41
N ASN A 287 24.19 -16.52 12.90
CA ASN A 287 24.43 -15.34 13.71
C ASN A 287 23.46 -15.28 14.89
N ALA A 288 22.20 -15.60 14.65
CA ALA A 288 21.19 -15.57 15.71
C ALA A 288 21.51 -16.60 16.81
N LYS A 289 21.85 -17.82 16.42
CA LYS A 289 22.20 -18.87 17.38
C LYS A 289 23.44 -18.50 18.16
N ARG A 290 24.44 -17.97 17.45
CA ARG A 290 25.69 -17.61 18.09
C ARG A 290 25.53 -16.40 19.02
N LEU A 291 24.78 -15.39 18.59
CA LEU A 291 24.57 -14.20 19.41
C LEU A 291 23.77 -14.59 20.66
N ALA A 292 22.81 -15.50 20.49
CA ALA A 292 22.01 -15.97 21.62
C ALA A 292 22.91 -16.69 22.63
N GLU A 293 23.81 -17.54 22.13
CA GLU A 293 24.74 -18.26 23.00
C GLU A 293 25.64 -17.30 23.75
N GLU A 294 26.19 -16.32 23.03
CA GLU A 294 27.07 -15.34 23.64
C GLU A 294 26.38 -14.54 24.75
N LEU A 295 25.09 -14.23 24.57
CA LEU A 295 24.36 -13.48 25.60
C LEU A 295 24.02 -14.39 26.79
N ALA A 296 23.75 -15.65 26.51
CA ALA A 296 23.46 -16.59 27.58
C ALA A 296 24.72 -16.73 28.44
N ARG A 297 25.87 -16.77 27.78
CA ARG A 297 27.15 -16.90 28.45
C ARG A 297 27.43 -15.69 29.34
N ARG A 298 26.84 -14.55 29.01
CA ARG A 298 27.05 -13.33 29.76
C ARG A 298 25.99 -13.08 30.83
N GLY A 299 25.20 -14.10 31.14
CA GLY A 299 24.21 -13.96 32.20
C GLY A 299 22.74 -13.71 31.87
N TYR A 300 22.34 -13.82 30.59
CA TYR A 300 20.94 -13.63 30.23
C TYR A 300 20.32 -14.98 29.90
N ARG A 301 19.01 -15.09 30.04
CA ARG A 301 18.35 -16.34 29.71
C ARG A 301 17.61 -16.19 28.37
N ILE A 302 17.77 -17.19 27.51
CA ILE A 302 17.12 -17.17 26.19
C ILE A 302 15.85 -18.00 26.24
N VAL A 303 14.71 -17.37 25.92
CA VAL A 303 13.43 -18.08 25.94
C VAL A 303 13.52 -19.31 25.03
N THR A 304 13.01 -20.45 25.52
CA THR A 304 13.06 -21.75 24.84
C THR A 304 14.49 -22.28 24.75
N GLY A 305 15.44 -21.51 25.29
CA GLY A 305 16.84 -21.92 25.31
C GLY A 305 17.64 -21.70 24.04
N GLY A 306 17.06 -21.04 23.04
CA GLY A 306 17.78 -20.81 21.81
C GLY A 306 16.81 -20.40 20.72
N THR A 307 17.12 -20.74 19.48
CA THR A 307 16.26 -20.39 18.36
C THR A 307 16.53 -21.29 17.16
N ASP A 308 15.50 -21.45 16.32
CA ASP A 308 15.60 -22.23 15.08
C ASP A 308 15.65 -21.26 13.89
N ASN A 309 15.44 -19.99 14.13
CA ASN A 309 15.39 -19.01 13.04
C ASN A 309 16.27 -17.77 13.19
N HIS A 310 15.78 -16.65 12.69
CA HIS A 310 16.53 -15.39 12.66
C HIS A 310 16.36 -14.49 13.88
N LEU A 311 15.50 -14.89 14.80
CA LEU A 311 15.25 -14.07 15.97
C LEU A 311 15.30 -14.86 17.26
N PHE A 312 15.36 -14.15 18.38
CA PHE A 312 15.37 -14.79 19.69
C PHE A 312 14.92 -13.79 20.72
N LEU A 313 14.36 -14.31 21.80
CA LEU A 313 13.84 -13.49 22.88
C LEU A 313 14.75 -13.58 24.10
N VAL A 314 15.14 -12.42 24.63
CA VAL A 314 16.00 -12.36 25.80
C VAL A 314 15.19 -12.05 27.06
N ASP A 315 15.35 -12.89 28.07
CA ASP A 315 14.71 -12.73 29.37
C ASP A 315 15.73 -11.94 30.19
N LEU A 316 15.40 -10.69 30.50
CA LEU A 316 16.27 -9.79 31.24
C LEU A 316 16.20 -9.91 32.77
N ARG A 317 15.30 -10.74 33.27
CA ARG A 317 15.13 -10.92 34.72
C ARG A 317 16.42 -11.23 35.47
N PRO A 318 17.28 -12.11 34.93
CA PRO A 318 18.52 -12.40 35.66
C PRO A 318 19.31 -11.15 36.03
N LYS A 319 19.14 -10.07 35.29
CA LYS A 319 19.87 -8.83 35.55
C LYS A 319 19.00 -7.69 36.08
N GLY A 320 17.78 -8.00 36.48
CA GLY A 320 16.89 -7.00 37.05
C GLY A 320 16.49 -5.83 36.19
N LEU A 321 16.43 -6.02 34.87
CA LEU A 321 16.00 -4.97 33.96
C LEU A 321 14.66 -5.30 33.32
N THR A 322 13.97 -4.27 32.85
CA THR A 322 12.71 -4.42 32.13
C THR A 322 13.04 -4.20 30.65
N GLY A 323 12.15 -4.64 29.78
CA GLY A 323 12.36 -4.45 28.35
C GLY A 323 12.43 -2.99 27.97
N LYS A 324 11.57 -2.18 28.59
CA LYS A 324 11.52 -0.75 28.32
C LYS A 324 12.87 -0.09 28.61
N GLU A 325 13.45 -0.39 29.79
CA GLU A 325 14.74 0.19 30.16
C GLU A 325 15.81 -0.27 29.18
N ALA A 326 15.81 -1.55 28.87
CA ALA A 326 16.81 -2.13 27.97
C ALA A 326 16.73 -1.45 26.62
N GLU A 327 15.51 -1.22 26.18
CA GLU A 327 15.25 -0.59 24.91
C GLU A 327 15.86 0.82 24.87
N GLU A 328 15.66 1.60 25.93
CA GLU A 328 16.19 2.96 25.99
C GLU A 328 17.71 3.00 26.07
N ARG A 329 18.27 2.18 26.95
CA ARG A 329 19.70 2.12 27.12
C ARG A 329 20.44 1.72 25.85
N LEU A 330 19.83 0.83 25.08
CA LEU A 330 20.44 0.39 23.85
C LEU A 330 20.32 1.47 22.77
N ASP A 331 19.14 2.07 22.69
CA ASP A 331 18.87 3.13 21.73
C ASP A 331 19.82 4.30 21.88
N ALA A 332 20.20 4.61 23.12
CA ALA A 332 21.11 5.72 23.40
C ALA A 332 22.52 5.53 22.83
N VAL A 333 22.90 4.29 22.55
CA VAL A 333 24.22 4.00 21.98
C VAL A 333 24.17 3.54 20.53
N GLY A 334 23.02 3.76 19.89
CA GLY A 334 22.88 3.42 18.48
C GLY A 334 22.54 1.96 18.20
N ILE A 335 22.00 1.25 19.18
CA ILE A 335 21.61 -0.15 18.99
C ILE A 335 20.12 -0.22 19.19
N THR A 336 19.42 -0.60 18.14
CA THR A 336 17.97 -0.69 18.22
C THR A 336 17.44 -2.12 18.33
N VAL A 337 16.58 -2.33 19.31
CA VAL A 337 15.91 -3.61 19.56
C VAL A 337 14.49 -3.20 19.97
N ASN A 338 13.63 -4.16 20.30
CA ASN A 338 12.32 -3.78 20.83
C ASN A 338 11.95 -4.68 21.99
N LYS A 339 11.23 -4.10 22.94
CA LYS A 339 10.79 -4.83 24.13
C LYS A 339 9.78 -5.88 23.69
N ASN A 340 9.75 -6.98 24.41
CA ASN A 340 8.87 -8.09 24.09
C ASN A 340 8.58 -8.87 25.36
N ALA A 341 7.32 -9.17 25.61
CA ALA A 341 6.93 -9.95 26.77
C ALA A 341 7.49 -11.36 26.66
N ILE A 342 7.80 -11.96 27.81
CA ILE A 342 8.28 -13.33 27.84
C ILE A 342 7.06 -14.14 28.28
N PRO A 343 7.10 -15.47 28.08
CA PRO A 343 5.94 -16.29 28.44
C PRO A 343 5.45 -16.03 29.87
N PHE A 344 4.24 -15.46 29.97
CA PHE A 344 3.61 -15.12 31.25
C PHE A 344 4.48 -14.13 32.01
N ASP A 345 4.78 -13.04 31.32
CA ASP A 345 5.62 -11.97 31.85
C ASP A 345 5.02 -11.44 33.16
N PRO A 346 5.83 -11.32 34.23
CA PRO A 346 5.28 -10.79 35.48
C PRO A 346 5.03 -9.27 35.40
N LYS A 347 5.56 -8.63 34.36
CA LYS A 347 5.41 -7.18 34.15
C LYS A 347 4.33 -6.86 33.10
N PRO A 348 3.68 -5.69 33.24
CA PRO A 348 2.65 -5.30 32.25
C PRO A 348 3.23 -5.25 30.84
N PRO A 349 2.36 -5.25 29.82
CA PRO A 349 2.82 -5.25 28.42
C PRO A 349 3.57 -4.01 27.93
N ARG A 350 3.39 -2.87 28.59
CA ARG A 350 4.06 -1.66 28.17
C ARG A 350 5.45 -1.58 28.80
N VAL A 351 5.73 -2.54 29.66
CA VAL A 351 7.01 -2.61 30.37
C VAL A 351 7.82 -3.87 29.98
N THR A 352 7.20 -5.04 30.16
CA THR A 352 7.80 -6.34 29.86
C THR A 352 9.12 -6.63 30.58
N SER A 353 9.58 -7.87 30.45
CA SER A 353 10.83 -8.32 31.05
C SER A 353 11.82 -8.88 30.01
N GLY A 354 11.61 -8.56 28.74
CA GLY A 354 12.52 -9.04 27.73
C GLY A 354 12.61 -8.18 26.49
N ILE A 355 13.47 -8.59 25.58
CA ILE A 355 13.65 -7.90 24.31
C ILE A 355 13.80 -8.92 23.19
N ARG A 356 13.40 -8.54 21.99
CA ARG A 356 13.53 -9.38 20.82
C ARG A 356 14.72 -8.85 20.03
N ILE A 357 15.54 -9.76 19.54
CA ILE A 357 16.71 -9.41 18.77
C ILE A 357 16.67 -10.27 17.51
N GLY A 358 16.98 -9.66 16.37
CA GLY A 358 17.01 -10.38 15.11
C GLY A 358 18.25 -9.99 14.33
N THR A 359 18.82 -10.93 13.58
CA THR A 359 20.05 -10.69 12.84
C THR A 359 19.95 -10.45 11.32
N PRO A 360 18.76 -10.51 10.72
CA PRO A 360 18.80 -10.33 9.27
C PRO A 360 19.51 -9.07 8.75
N ALA A 361 19.30 -7.92 9.40
CA ALA A 361 19.88 -6.67 8.94
C ALA A 361 21.40 -6.57 9.08
N ILE A 362 21.94 -6.96 10.22
CA ILE A 362 23.39 -6.91 10.41
C ILE A 362 24.07 -7.94 9.50
N THR A 363 23.40 -9.07 9.23
CA THR A 363 23.97 -10.08 8.36
C THR A 363 24.07 -9.53 6.94
N THR A 364 23.09 -8.73 6.54
CA THR A 364 23.11 -8.12 5.22
C THR A 364 24.29 -7.19 5.14
N ARG A 365 24.69 -6.62 6.27
CA ARG A 365 25.83 -5.72 6.32
C ARG A 365 27.18 -6.42 6.45
N GLY A 366 27.17 -7.76 6.40
CA GLY A 366 28.42 -8.50 6.47
C GLY A 366 28.86 -9.02 7.81
N PHE A 367 28.07 -8.86 8.86
CA PHE A 367 28.46 -9.40 10.15
C PHE A 367 28.53 -10.93 10.06
N THR A 368 29.51 -11.54 10.70
CA THR A 368 29.65 -13.01 10.68
C THR A 368 29.66 -13.56 12.10
N PRO A 369 29.44 -14.87 12.26
CA PRO A 369 29.37 -15.45 13.61
C PRO A 369 30.54 -15.12 14.54
N GLU A 370 31.74 -15.01 13.98
CA GLU A 370 32.93 -14.71 14.78
C GLU A 370 32.87 -13.33 15.40
N GLU A 371 31.97 -12.47 14.89
CA GLU A 371 31.85 -11.12 15.41
C GLU A 371 30.73 -10.98 16.42
N MET A 372 29.92 -12.01 16.55
CA MET A 372 28.80 -12.00 17.50
C MET A 372 29.26 -11.77 18.94
N PRO A 373 30.38 -12.40 19.37
CA PRO A 373 30.87 -12.14 20.74
C PRO A 373 31.03 -10.63 21.02
N LEU A 374 31.53 -9.90 20.02
CA LEU A 374 31.75 -8.45 20.18
C LEU A 374 30.43 -7.67 20.29
N VAL A 375 29.43 -8.07 19.50
CA VAL A 375 28.13 -7.42 19.54
C VAL A 375 27.48 -7.71 20.89
N ALA A 376 27.70 -8.92 21.40
CA ALA A 376 27.15 -9.33 22.68
C ALA A 376 27.73 -8.49 23.81
N GLU A 377 29.04 -8.26 23.78
CA GLU A 377 29.68 -7.46 24.82
C GLU A 377 29.15 -6.02 24.82
N LEU A 378 28.97 -5.44 23.64
CA LEU A 378 28.46 -4.08 23.53
C LEU A 378 27.04 -3.98 24.07
N ILE A 379 26.23 -5.01 23.81
CA ILE A 379 24.86 -5.02 24.30
C ILE A 379 24.88 -5.07 25.83
N ASP A 380 25.70 -5.97 26.36
CA ASP A 380 25.83 -6.15 27.79
C ASP A 380 26.34 -4.89 28.51
N ARG A 381 27.40 -4.27 27.98
CA ARG A 381 27.94 -3.06 28.58
C ARG A 381 26.93 -1.92 28.62
N ALA A 382 26.16 -1.76 27.56
CA ALA A 382 25.16 -0.70 27.50
C ALA A 382 24.05 -0.91 28.54
N LEU A 383 23.71 -2.18 28.78
CA LEU A 383 22.65 -2.50 29.73
C LEU A 383 23.12 -2.41 31.19
N LEU A 384 24.41 -2.66 31.42
CA LEU A 384 24.95 -2.62 32.77
C LEU A 384 25.58 -1.27 33.13
N GLU A 385 26.38 -0.71 32.23
CA GLU A 385 27.05 0.56 32.46
C GLU A 385 26.18 1.73 32.05
N GLY A 386 25.18 1.46 31.21
CA GLY A 386 24.31 2.50 30.72
C GLY A 386 24.94 3.22 29.54
N PRO A 387 24.25 4.21 28.95
CA PRO A 387 24.84 4.92 27.80
C PRO A 387 26.02 5.81 28.19
N SER A 388 26.94 5.98 27.25
CA SER A 388 28.11 6.82 27.44
C SER A 388 28.62 7.19 26.06
N GLU A 389 29.29 8.32 25.93
CA GLU A 389 29.80 8.73 24.62
C GLU A 389 30.78 7.73 24.07
N ALA A 390 31.65 7.21 24.93
CA ALA A 390 32.65 6.23 24.51
C ALA A 390 32.01 4.99 23.91
N LEU A 391 30.94 4.50 24.54
CA LEU A 391 30.27 3.32 24.05
C LEU A 391 29.57 3.59 22.71
N ARG A 392 29.02 4.78 22.55
CA ARG A 392 28.34 5.16 21.30
C ARG A 392 29.34 5.23 20.15
N GLU A 393 30.57 5.64 20.44
CA GLU A 393 31.60 5.73 19.40
C GLU A 393 32.08 4.34 18.99
N GLU A 394 32.11 3.43 19.94
CA GLU A 394 32.54 2.07 19.65
C GLU A 394 31.50 1.41 18.74
N VAL A 395 30.23 1.68 19.00
CA VAL A 395 29.16 1.14 18.17
C VAL A 395 29.26 1.74 16.77
N ARG A 396 29.44 3.07 16.72
CA ARG A 396 29.54 3.77 15.46
C ARG A 396 30.66 3.25 14.56
N ARG A 397 31.84 3.04 15.14
CA ARG A 397 32.98 2.55 14.37
C ARG A 397 32.76 1.13 13.87
N LEU A 398 32.18 0.29 14.70
CA LEU A 398 31.92 -1.10 14.31
C LEU A 398 30.93 -1.10 13.14
N ALA A 399 29.91 -0.25 13.24
CA ALA A 399 28.90 -0.17 12.20
C ALA A 399 29.51 0.28 10.89
N LEU A 400 30.24 1.40 10.92
CA LEU A 400 30.87 1.94 9.72
C LEU A 400 31.80 0.97 9.02
N ALA A 401 32.38 0.05 9.78
CA ALA A 401 33.27 -0.98 9.22
C ALA A 401 32.52 -2.11 8.51
N HIS A 402 31.20 -2.01 8.46
CA HIS A 402 30.36 -3.02 7.81
C HIS A 402 29.44 -2.25 6.87
N PRO A 403 29.86 -2.08 5.61
CA PRO A 403 29.07 -1.30 4.66
C PRO A 403 27.67 -1.76 4.40
N MET A 404 26.85 -0.82 3.96
CA MET A 404 25.47 -1.09 3.61
C MET A 404 25.44 -1.45 2.13
N PRO A 405 24.37 -2.12 1.68
CA PRO A 405 24.26 -2.52 0.26
C PRO A 405 24.26 -1.32 -0.71
N LYS B 4 24.32 -10.07 -8.67
CA LYS B 4 23.96 -10.06 -10.11
C LYS B 4 22.80 -9.12 -10.35
N ARG B 5 22.90 -8.36 -11.44
CA ARG B 5 21.86 -7.44 -11.81
C ARG B 5 20.76 -8.20 -12.57
N ASP B 6 19.51 -7.89 -12.24
CA ASP B 6 18.35 -8.52 -12.85
C ASP B 6 18.09 -7.85 -14.20
N GLU B 7 18.91 -8.18 -15.19
CA GLU B 7 18.81 -7.59 -16.51
C GLU B 7 17.44 -7.74 -17.19
N ALA B 8 16.82 -8.90 -17.04
CA ALA B 8 15.52 -9.14 -17.66
C ALA B 8 14.48 -8.11 -17.18
N LEU B 9 14.43 -7.92 -15.86
CA LEU B 9 13.47 -6.98 -15.27
C LEU B 9 13.74 -5.55 -15.71
N PHE B 10 15.01 -5.14 -15.70
CA PHE B 10 15.35 -3.78 -16.09
C PHE B 10 15.14 -3.48 -17.57
N GLU B 11 15.21 -4.51 -18.40
CA GLU B 11 14.97 -4.36 -19.82
C GLU B 11 13.48 -4.05 -20.01
N LEU B 12 12.63 -4.60 -19.15
CA LEU B 12 11.19 -4.33 -19.22
C LEU B 12 10.88 -2.91 -18.75
N ILE B 13 11.64 -2.42 -17.77
CA ILE B 13 11.45 -1.07 -17.25
C ILE B 13 11.81 -0.07 -18.34
N ALA B 14 12.84 -0.39 -19.13
CA ALA B 14 13.25 0.46 -20.24
C ALA B 14 12.16 0.46 -21.33
N LEU B 15 11.53 -0.68 -21.56
CA LEU B 15 10.45 -0.77 -22.55
C LEU B 15 9.26 0.09 -22.13
N GLU B 16 8.99 0.13 -20.84
CA GLU B 16 7.88 0.93 -20.32
C GLU B 16 8.18 2.45 -20.44
N GLU B 17 9.43 2.84 -20.24
CA GLU B 17 9.83 4.25 -20.35
C GLU B 17 9.60 4.70 -21.78
N LYS B 18 9.95 3.81 -22.71
CA LYS B 18 9.83 4.03 -24.13
C LYS B 18 8.36 4.16 -24.51
N ARG B 19 7.54 3.27 -23.99
CA ARG B 19 6.12 3.31 -24.28
C ARG B 19 5.54 4.65 -23.83
N GLN B 20 5.83 5.04 -22.59
CA GLN B 20 5.33 6.29 -22.03
C GLN B 20 5.78 7.49 -22.86
N ARG B 21 7.04 7.46 -23.27
CA ARG B 21 7.60 8.54 -24.07
C ARG B 21 7.02 8.63 -25.49
N GLU B 22 6.80 7.49 -26.13
CA GLU B 22 6.33 7.44 -27.51
C GLU B 22 4.82 7.42 -27.77
N GLY B 23 4.01 7.63 -26.74
CA GLY B 23 2.57 7.61 -26.93
C GLY B 23 1.89 8.80 -26.31
N LEU B 24 0.57 8.90 -26.49
CA LEU B 24 -0.20 9.99 -25.90
C LEU B 24 -1.07 9.35 -24.81
N GLU B 25 -0.70 9.58 -23.56
CA GLU B 25 -1.39 9.01 -22.42
C GLU B 25 -2.56 9.91 -22.05
N LEU B 26 -3.77 9.50 -22.41
CA LEU B 26 -4.96 10.29 -22.14
C LEU B 26 -5.88 9.72 -21.06
N ILE B 27 -5.36 8.80 -20.24
CA ILE B 27 -6.15 8.25 -19.14
C ILE B 27 -6.21 9.33 -18.08
N ALA B 28 -7.42 9.78 -17.75
CA ALA B 28 -7.61 10.88 -16.83
C ALA B 28 -6.96 10.77 -15.47
N SER B 29 -6.78 9.53 -15.01
CA SER B 29 -6.22 9.31 -13.68
C SER B 29 -4.71 9.17 -13.67
N GLU B 30 -4.04 9.33 -14.80
CA GLU B 30 -2.60 9.19 -14.81
C GLU B 30 -1.90 10.53 -14.92
N ASN B 31 -0.59 10.51 -14.69
CA ASN B 31 0.23 11.71 -14.76
C ASN B 31 1.68 11.22 -14.78
N PHE B 32 2.62 12.15 -14.85
CA PHE B 32 4.04 11.78 -14.83
C PHE B 32 4.74 12.49 -13.66
N VAL B 33 5.23 11.73 -12.68
CA VAL B 33 5.90 12.34 -11.52
C VAL B 33 7.28 12.87 -11.90
N SER B 34 7.77 13.84 -11.12
CA SER B 34 9.06 14.45 -11.37
C SER B 34 10.17 13.51 -10.92
N LYS B 35 11.39 13.80 -11.33
CA LYS B 35 12.54 13.00 -10.97
C LYS B 35 12.76 13.00 -9.46
N GLN B 36 12.53 14.14 -8.82
CA GLN B 36 12.75 14.24 -7.38
C GLN B 36 11.71 13.44 -6.58
N VAL B 37 10.50 13.29 -7.12
CA VAL B 37 9.50 12.47 -6.45
C VAL B 37 10.00 11.02 -6.48
N ARG B 38 10.55 10.61 -7.61
CA ARG B 38 11.08 9.27 -7.77
C ARG B 38 12.29 9.03 -6.89
N GLU B 39 13.16 10.04 -6.77
CA GLU B 39 14.35 9.94 -5.95
C GLU B 39 13.97 9.62 -4.51
N ALA B 40 12.93 10.27 -4.00
CA ALA B 40 12.50 10.04 -2.63
C ALA B 40 11.89 8.64 -2.48
N VAL B 41 11.06 8.24 -3.42
CA VAL B 41 10.40 6.93 -3.37
C VAL B 41 11.43 5.79 -3.44
N GLY B 42 12.53 6.01 -4.14
CA GLY B 42 13.57 4.99 -4.25
C GLY B 42 14.65 5.14 -3.19
N SER B 43 14.34 5.84 -2.10
CA SER B 43 15.29 6.09 -1.03
C SER B 43 15.37 4.97 0.00
N VAL B 44 16.34 5.09 0.91
CA VAL B 44 16.56 4.12 1.96
C VAL B 44 15.51 4.17 3.07
N LEU B 45 14.58 5.12 2.99
CA LEU B 45 13.53 5.23 4.00
C LEU B 45 12.66 3.99 4.04
N THR B 46 12.80 3.14 3.04
CA THR B 46 12.04 1.89 3.03
C THR B 46 12.58 0.90 4.06
N ASN B 47 13.81 1.09 4.53
CA ASN B 47 14.41 0.16 5.48
C ASN B 47 14.00 0.38 6.94
N LYS B 48 12.97 1.16 7.19
CA LYS B 48 12.59 1.43 8.56
C LYS B 48 11.12 1.20 8.87
N TYR B 49 10.87 0.37 9.88
CA TYR B 49 9.53 0.08 10.35
C TYR B 49 9.12 1.19 11.30
N ALA B 50 8.14 1.98 10.89
CA ALA B 50 7.67 3.09 11.71
C ALA B 50 6.19 3.01 12.09
N GLU B 51 5.79 1.88 12.64
CA GLU B 51 4.43 1.71 13.11
C GLU B 51 4.13 2.76 14.15
N GLY B 52 2.97 3.38 14.04
CA GLY B 52 2.59 4.43 14.95
C GLY B 52 2.61 5.76 14.24
N TYR B 53 2.67 6.82 15.03
CA TYR B 53 2.70 8.17 14.49
C TYR B 53 3.90 8.96 15.02
N PRO B 54 4.24 10.09 14.39
CA PRO B 54 5.39 10.86 14.86
C PRO B 54 5.34 11.14 16.35
N GLY B 55 6.45 10.88 17.03
CA GLY B 55 6.52 11.12 18.45
C GLY B 55 5.84 10.03 19.25
N ALA B 56 5.20 9.09 18.55
CA ALA B 56 4.51 8.00 19.22
C ALA B 56 4.63 6.70 18.42
N ARG B 57 5.87 6.29 18.18
CA ARG B 57 6.15 5.08 17.42
C ARG B 57 6.33 3.89 18.36
N TYR B 58 6.10 2.71 17.84
CA TYR B 58 6.30 1.48 18.59
C TYR B 58 7.83 1.26 18.82
N TYR B 59 8.63 1.40 17.77
CA TYR B 59 10.08 1.20 17.84
C TYR B 59 10.89 2.48 17.82
N GLY B 60 12.13 2.38 18.31
CA GLY B 60 13.04 3.50 18.32
C GLY B 60 13.73 3.68 16.97
N GLY B 61 14.59 4.70 16.90
CA GLY B 61 15.32 4.98 15.68
C GLY B 61 14.50 5.73 14.63
N CYS B 62 13.36 6.30 15.03
CA CYS B 62 12.50 7.03 14.11
C CYS B 62 12.63 8.55 14.18
N GLU B 63 13.65 9.05 14.86
CA GLU B 63 13.84 10.49 14.99
C GLU B 63 13.82 11.27 13.66
N VAL B 64 14.42 10.72 12.60
CA VAL B 64 14.45 11.41 11.31
C VAL B 64 13.16 11.14 10.53
N ILE B 65 12.67 9.90 10.61
CA ILE B 65 11.43 9.55 9.93
C ILE B 65 10.28 10.40 10.45
N ASP B 66 10.27 10.69 11.75
CA ASP B 66 9.22 11.52 12.35
C ASP B 66 9.23 12.92 11.74
N ARG B 67 10.41 13.46 11.47
CA ARG B 67 10.50 14.78 10.86
C ARG B 67 10.03 14.76 9.39
N VAL B 68 10.29 13.65 8.71
CA VAL B 68 9.88 13.47 7.32
C VAL B 68 8.34 13.38 7.24
N GLU B 69 7.76 12.54 8.09
CA GLU B 69 6.31 12.37 8.10
C GLU B 69 5.60 13.66 8.54
N SER B 70 6.15 14.30 9.55
CA SER B 70 5.58 15.53 10.08
C SER B 70 5.56 16.61 9.03
N LEU B 71 6.65 16.68 8.26
CA LEU B 71 6.79 17.65 7.20
C LEU B 71 5.69 17.43 6.15
N ALA B 72 5.46 16.17 5.78
CA ALA B 72 4.40 15.86 4.80
C ALA B 72 3.03 16.24 5.37
N ILE B 73 2.83 15.98 6.65
CA ILE B 73 1.57 16.32 7.31
C ILE B 73 1.32 17.84 7.28
N GLU B 74 2.28 18.61 7.76
CA GLU B 74 2.13 20.06 7.82
C GLU B 74 1.97 20.69 6.44
N ARG B 75 2.67 20.16 5.44
CA ARG B 75 2.55 20.71 4.10
C ARG B 75 1.17 20.43 3.52
N ALA B 76 0.62 19.26 3.83
CA ALA B 76 -0.73 18.89 3.37
C ALA B 76 -1.75 19.84 3.98
N LYS B 77 -1.60 20.08 5.28
CA LYS B 77 -2.47 21.00 6.00
C LYS B 77 -2.39 22.39 5.39
N ALA B 78 -1.17 22.89 5.17
CA ALA B 78 -0.95 24.20 4.59
C ALA B 78 -1.49 24.30 3.17
N LEU B 79 -1.27 23.25 2.39
CA LEU B 79 -1.72 23.25 1.00
C LEU B 79 -3.25 23.28 0.83
N PHE B 80 -3.97 22.58 1.70
CA PHE B 80 -5.43 22.50 1.59
C PHE B 80 -6.20 23.29 2.66
N GLY B 81 -5.48 23.90 3.59
CA GLY B 81 -6.12 24.65 4.66
C GLY B 81 -6.86 23.73 5.62
N ALA B 82 -6.22 22.61 5.99
CA ALA B 82 -6.83 21.64 6.88
C ALA B 82 -6.21 21.68 8.28
N ALA B 83 -6.99 21.31 9.28
CA ALA B 83 -6.49 21.32 10.65
C ALA B 83 -5.79 20.02 11.02
N TRP B 84 -6.05 18.97 10.26
CA TRP B 84 -5.47 17.66 10.52
C TRP B 84 -5.29 16.92 9.19
N ALA B 85 -4.31 16.02 9.16
CA ALA B 85 -4.03 15.23 7.97
C ALA B 85 -3.39 13.91 8.41
N ASN B 86 -3.54 12.89 7.56
CA ASN B 86 -2.94 11.59 7.79
C ASN B 86 -2.38 11.19 6.43
N VAL B 87 -1.07 11.06 6.36
CA VAL B 87 -0.39 10.77 5.11
C VAL B 87 0.05 9.30 4.96
N GLN B 88 -0.43 8.45 5.85
CA GLN B 88 -0.06 7.02 5.83
C GLN B 88 -0.86 6.04 4.94
N PRO B 89 -2.05 6.44 4.45
CA PRO B 89 -2.79 5.46 3.63
C PRO B 89 -2.02 5.01 2.37
N HIS B 90 -1.87 3.70 2.21
CA HIS B 90 -1.16 3.13 1.07
C HIS B 90 -1.76 3.52 -0.29
N SER B 91 -3.06 3.84 -0.30
CA SER B 91 -3.77 4.16 -1.53
C SER B 91 -5.05 4.93 -1.25
N GLY B 92 -5.74 5.31 -2.33
CA GLY B 92 -7.00 6.03 -2.18
C GLY B 92 -8.07 5.12 -1.59
N SER B 93 -7.99 3.84 -1.94
CA SER B 93 -8.92 2.83 -1.45
C SER B 93 -8.75 2.60 0.06
N GLN B 94 -7.52 2.56 0.55
CA GLN B 94 -7.30 2.38 1.98
C GLN B 94 -7.72 3.64 2.74
N ALA B 95 -7.57 4.79 2.10
CA ALA B 95 -7.96 6.04 2.72
C ALA B 95 -9.48 6.01 2.95
N ASN B 96 -10.21 5.57 1.93
CA ASN B 96 -11.66 5.49 2.05
C ASN B 96 -12.08 4.42 3.03
N MET B 97 -11.40 3.27 2.98
CA MET B 97 -11.73 2.17 3.88
C MET B 97 -11.68 2.63 5.34
N ALA B 98 -10.58 3.30 5.68
CA ALA B 98 -10.34 3.78 7.03
C ALA B 98 -11.44 4.70 7.52
N VAL B 99 -11.84 5.64 6.67
CA VAL B 99 -12.87 6.61 7.00
C VAL B 99 -14.24 5.95 7.25
N TYR B 100 -14.58 4.97 6.42
CA TYR B 100 -15.85 4.27 6.56
C TYR B 100 -15.90 3.49 7.86
N MET B 101 -14.80 2.82 8.17
CA MET B 101 -14.72 2.01 9.38
C MET B 101 -14.69 2.85 10.64
N ALA B 102 -14.28 4.10 10.51
CA ALA B 102 -14.25 5.00 11.65
C ALA B 102 -15.60 5.64 11.93
N LEU B 103 -16.40 5.85 10.89
CA LEU B 103 -17.71 6.48 11.04
C LEU B 103 -18.91 5.52 11.04
N MET B 104 -18.75 4.31 10.55
CA MET B 104 -19.85 3.36 10.48
C MET B 104 -19.54 2.00 11.08
N GLU B 105 -20.60 1.21 11.22
CA GLU B 105 -20.52 -0.16 11.69
C GLU B 105 -21.05 -0.98 10.54
N PRO B 106 -20.59 -2.23 10.38
CA PRO B 106 -21.10 -3.01 9.26
C PRO B 106 -22.63 -3.04 9.34
N GLY B 107 -23.28 -2.96 8.18
CA GLY B 107 -24.73 -2.92 8.16
C GLY B 107 -25.27 -1.51 7.99
N ASP B 108 -24.52 -0.48 8.39
CA ASP B 108 -25.00 0.90 8.26
C ASP B 108 -25.22 1.28 6.79
N THR B 109 -25.96 2.36 6.56
CA THR B 109 -26.26 2.82 5.21
C THR B 109 -25.30 3.90 4.70
N LEU B 110 -24.76 3.63 3.51
CA LEU B 110 -23.83 4.51 2.83
C LEU B 110 -24.48 5.02 1.54
N MET B 111 -24.30 6.29 1.26
CA MET B 111 -24.87 6.88 0.05
C MET B 111 -23.74 7.46 -0.80
N GLY B 112 -23.64 7.01 -2.04
CA GLY B 112 -22.60 7.49 -2.92
C GLY B 112 -23.11 7.57 -4.35
N MET B 113 -22.29 8.13 -5.23
CA MET B 113 -22.69 8.23 -6.61
C MET B 113 -22.64 6.87 -7.32
N ASP B 114 -23.67 6.61 -8.11
CA ASP B 114 -23.78 5.37 -8.87
C ASP B 114 -22.58 5.25 -9.79
N LEU B 115 -22.01 4.05 -9.87
CA LEU B 115 -20.85 3.79 -10.71
C LEU B 115 -21.08 4.22 -12.16
N ALA B 116 -22.26 3.87 -12.70
CA ALA B 116 -22.61 4.18 -14.08
C ALA B 116 -22.76 5.67 -14.31
N ALA B 117 -23.01 6.42 -13.24
CA ALA B 117 -23.17 7.85 -13.37
C ALA B 117 -21.84 8.57 -13.15
N GLY B 118 -20.80 7.82 -12.79
CA GLY B 118 -19.50 8.40 -12.58
C GLY B 118 -18.85 8.08 -11.23
N GLY B 119 -19.57 7.40 -10.35
CA GLY B 119 -19.00 7.08 -9.05
C GLY B 119 -17.83 6.10 -9.15
N HIS B 120 -17.05 6.04 -8.09
CA HIS B 120 -15.90 5.14 -8.01
C HIS B 120 -16.30 3.82 -7.36
N LEU B 121 -15.52 2.77 -7.61
CA LEU B 121 -15.76 1.45 -7.03
C LEU B 121 -15.92 1.48 -5.51
N THR B 122 -15.21 2.39 -4.87
CA THR B 122 -15.25 2.47 -3.40
C THR B 122 -16.43 3.27 -2.89
N HIS B 123 -17.33 3.69 -3.78
CA HIS B 123 -18.50 4.47 -3.38
C HIS B 123 -19.77 3.65 -3.26
N GLY B 124 -19.62 2.33 -3.17
CA GLY B 124 -20.77 1.47 -2.98
C GLY B 124 -20.97 0.30 -3.91
N SER B 125 -19.94 -0.13 -4.63
CA SER B 125 -20.07 -1.26 -5.55
C SER B 125 -20.22 -2.56 -4.77
N ARG B 126 -21.06 -3.47 -5.27
CA ARG B 126 -21.30 -4.75 -4.61
C ARG B 126 -20.08 -5.65 -4.57
N VAL B 127 -19.20 -5.52 -5.56
CA VAL B 127 -18.00 -6.35 -5.60
C VAL B 127 -16.84 -5.74 -4.82
N ASN B 128 -17.08 -4.57 -4.22
CA ASN B 128 -16.07 -3.86 -3.44
C ASN B 128 -16.44 -3.95 -1.96
N PHE B 129 -15.48 -3.70 -1.08
CA PHE B 129 -15.74 -3.78 0.36
C PHE B 129 -16.89 -2.84 0.77
N SER B 130 -17.00 -1.73 0.07
CA SER B 130 -18.00 -0.73 0.37
C SER B 130 -19.41 -1.29 0.28
N GLY B 131 -19.69 -1.98 -0.82
CA GLY B 131 -20.98 -2.59 -1.01
C GLY B 131 -21.16 -3.93 -0.30
N LYS B 132 -20.08 -4.48 0.25
CA LYS B 132 -20.16 -5.76 0.96
C LYS B 132 -20.47 -5.59 2.45
N LEU B 133 -19.88 -4.58 3.07
CA LEU B 133 -20.07 -4.32 4.49
C LEU B 133 -21.23 -3.38 4.80
N TYR B 134 -21.58 -2.53 3.83
CA TYR B 134 -22.63 -1.54 4.04
C TYR B 134 -23.81 -1.64 3.09
N LYS B 135 -24.94 -1.09 3.53
CA LYS B 135 -26.14 -1.04 2.74
C LYS B 135 -25.96 0.21 1.90
N VAL B 136 -26.02 0.05 0.59
CA VAL B 136 -25.76 1.16 -0.30
C VAL B 136 -26.96 1.75 -0.99
N VAL B 137 -26.97 3.07 -1.09
CA VAL B 137 -28.00 3.83 -1.78
C VAL B 137 -27.22 4.76 -2.67
N SER B 138 -27.53 4.74 -3.96
CA SER B 138 -26.80 5.54 -4.92
C SER B 138 -27.63 6.66 -5.51
N TYR B 139 -26.95 7.72 -5.91
CA TYR B 139 -27.61 8.82 -6.60
C TYR B 139 -26.92 8.90 -7.97
N GLY B 140 -27.63 9.44 -8.95
CA GLY B 140 -27.10 9.53 -10.31
C GLY B 140 -27.18 10.95 -10.84
N VAL B 141 -27.36 11.06 -12.15
CA VAL B 141 -27.48 12.36 -12.81
C VAL B 141 -28.77 12.36 -13.61
N ARG B 142 -29.24 13.54 -13.96
CA ARG B 142 -30.48 13.68 -14.73
C ARG B 142 -30.27 13.15 -16.15
N PRO B 143 -31.30 12.52 -16.75
CA PRO B 143 -31.17 11.97 -18.09
C PRO B 143 -31.05 13.02 -19.19
N ASP B 144 -31.53 14.21 -18.93
CA ASP B 144 -31.48 15.29 -19.90
C ASP B 144 -30.15 16.06 -19.92
N THR B 145 -29.80 16.68 -18.79
CA THR B 145 -28.59 17.49 -18.67
C THR B 145 -27.34 16.69 -18.26
N GLU B 146 -27.56 15.49 -17.76
CA GLU B 146 -26.47 14.65 -17.29
C GLU B 146 -25.72 15.29 -16.11
N LEU B 147 -26.41 16.18 -15.39
CA LEU B 147 -25.86 16.84 -14.22
C LEU B 147 -26.49 16.25 -12.95
N ILE B 148 -25.85 16.46 -11.80
CA ILE B 148 -26.37 15.99 -10.52
C ILE B 148 -27.56 16.88 -10.11
N ASP B 149 -28.69 16.27 -9.77
CA ASP B 149 -29.86 17.02 -9.32
C ASP B 149 -29.87 16.94 -7.81
N LEU B 150 -29.57 18.06 -7.16
CA LEU B 150 -29.51 18.11 -5.70
C LEU B 150 -30.81 17.80 -4.96
N GLU B 151 -31.96 17.99 -5.62
CA GLU B 151 -33.23 17.69 -4.96
C GLU B 151 -33.46 16.17 -4.96
N GLU B 152 -32.93 15.47 -5.96
CA GLU B 152 -33.03 14.02 -6.03
C GLU B 152 -32.13 13.41 -4.95
N VAL B 153 -31.02 14.09 -4.67
CA VAL B 153 -30.07 13.64 -3.65
C VAL B 153 -30.71 13.85 -2.29
N ARG B 154 -31.33 15.02 -2.13
CA ARG B 154 -32.00 15.36 -0.89
C ARG B 154 -33.10 14.33 -0.60
N ARG B 155 -33.88 14.03 -1.63
CA ARG B 155 -34.97 13.07 -1.51
C ARG B 155 -34.47 11.71 -1.03
N LEU B 156 -33.41 11.22 -1.67
CA LEU B 156 -32.85 9.92 -1.31
C LEU B 156 -32.32 9.91 0.12
N ALA B 157 -31.71 11.01 0.53
CA ALA B 157 -31.18 11.13 1.88
C ALA B 157 -32.30 11.06 2.92
N LEU B 158 -33.38 11.82 2.69
CA LEU B 158 -34.50 11.83 3.63
C LEU B 158 -35.19 10.47 3.72
N GLU B 159 -35.30 9.79 2.58
CA GLU B 159 -35.96 8.52 2.54
C GLU B 159 -35.15 7.41 3.22
N HIS B 160 -33.86 7.36 2.88
CA HIS B 160 -32.98 6.30 3.39
C HIS B 160 -32.15 6.59 4.64
N ARG B 161 -31.99 7.86 4.97
CA ARG B 161 -31.23 8.25 6.14
C ARG B 161 -29.87 7.58 6.24
N PRO B 162 -28.96 7.89 5.29
CA PRO B 162 -27.61 7.32 5.32
C PRO B 162 -26.82 7.86 6.50
N LYS B 163 -25.86 7.07 6.98
CA LYS B 163 -24.98 7.49 8.07
C LYS B 163 -23.85 8.35 7.46
N VAL B 164 -23.49 8.01 6.23
CA VAL B 164 -22.44 8.70 5.49
C VAL B 164 -22.91 8.96 4.07
N ILE B 165 -22.64 10.18 3.59
CA ILE B 165 -22.95 10.56 2.21
C ILE B 165 -21.61 10.86 1.58
N VAL B 166 -21.35 10.28 0.41
CA VAL B 166 -20.08 10.52 -0.26
C VAL B 166 -20.26 11.39 -1.49
N ALA B 167 -19.45 12.44 -1.57
CA ALA B 167 -19.47 13.34 -2.70
C ALA B 167 -18.13 13.16 -3.39
N GLY B 168 -18.08 13.42 -4.69
CA GLY B 168 -16.85 13.20 -5.42
C GLY B 168 -17.03 11.97 -6.28
N ALA B 169 -16.28 11.88 -7.36
CA ALA B 169 -16.41 10.75 -8.27
C ALA B 169 -15.17 10.59 -9.12
N SER B 170 -15.16 9.57 -9.95
CA SER B 170 -14.01 9.33 -10.82
C SER B 170 -14.32 9.67 -12.27
N ALA B 171 -15.57 9.98 -12.56
CA ALA B 171 -15.94 10.31 -13.93
C ALA B 171 -17.07 11.33 -14.06
N TYR B 172 -17.04 12.37 -13.23
CA TYR B 172 -18.04 13.43 -13.29
C TYR B 172 -17.25 14.66 -13.73
N PRO B 173 -17.60 15.25 -14.88
CA PRO B 173 -16.84 16.37 -15.43
C PRO B 173 -17.23 17.77 -14.99
N ARG B 174 -18.12 17.92 -14.02
CA ARG B 174 -18.52 19.27 -13.58
C ARG B 174 -18.21 19.52 -12.11
N PHE B 175 -18.33 20.78 -11.69
CA PHE B 175 -18.08 21.17 -10.32
C PHE B 175 -19.11 20.57 -9.39
N TRP B 176 -18.74 20.52 -8.12
CA TRP B 176 -19.60 20.00 -7.06
C TRP B 176 -20.00 21.14 -6.17
N ASP B 177 -21.25 21.13 -5.73
CA ASP B 177 -21.71 22.15 -4.80
C ASP B 177 -21.61 21.53 -3.41
N PHE B 178 -20.43 21.66 -2.80
CA PHE B 178 -20.20 21.08 -1.48
C PHE B 178 -21.06 21.65 -0.35
N LYS B 179 -21.41 22.93 -0.43
CA LYS B 179 -22.24 23.56 0.59
C LYS B 179 -23.60 22.89 0.66
N ALA B 180 -24.21 22.69 -0.51
CA ALA B 180 -25.51 22.04 -0.61
C ALA B 180 -25.45 20.60 -0.13
N PHE B 181 -24.34 19.92 -0.42
CA PHE B 181 -24.21 18.52 0.00
C PHE B 181 -24.10 18.49 1.52
N ARG B 182 -23.46 19.49 2.10
CA ARG B 182 -23.34 19.55 3.55
C ARG B 182 -24.71 19.85 4.19
N GLU B 183 -25.48 20.74 3.58
CA GLU B 183 -26.81 21.07 4.08
C GLU B 183 -27.70 19.81 4.07
N ILE B 184 -27.62 19.05 2.99
CA ILE B 184 -28.38 17.81 2.88
C ILE B 184 -27.98 16.81 3.97
N ALA B 185 -26.68 16.66 4.18
CA ALA B 185 -26.18 15.76 5.21
C ALA B 185 -26.65 16.21 6.59
N ASP B 186 -26.68 17.53 6.81
CA ASP B 186 -27.14 18.09 8.08
C ASP B 186 -28.62 17.82 8.30
N GLU B 187 -29.40 17.75 7.22
CA GLU B 187 -30.82 17.47 7.34
C GLU B 187 -31.10 16.08 7.91
N VAL B 188 -30.19 15.14 7.69
CA VAL B 188 -30.38 13.77 8.19
C VAL B 188 -29.32 13.33 9.22
N GLY B 189 -28.51 14.26 9.68
CA GLY B 189 -27.50 13.95 10.69
C GLY B 189 -26.43 12.99 10.20
N ALA B 190 -26.13 13.07 8.92
CA ALA B 190 -25.11 12.21 8.33
C ALA B 190 -23.80 12.95 8.20
N TYR B 191 -22.74 12.18 8.02
CA TYR B 191 -21.41 12.72 7.81
C TYR B 191 -21.22 12.89 6.32
N LEU B 192 -20.64 14.02 5.92
CA LEU B 192 -20.35 14.24 4.51
C LEU B 192 -18.87 13.93 4.30
N VAL B 193 -18.60 12.96 3.43
CA VAL B 193 -17.24 12.57 3.10
C VAL B 193 -17.01 12.97 1.66
N VAL B 194 -15.97 13.75 1.41
CA VAL B 194 -15.67 14.12 0.03
C VAL B 194 -14.43 13.37 -0.40
N ASP B 195 -14.52 12.67 -1.51
CA ASP B 195 -13.39 11.93 -2.07
C ASP B 195 -12.92 12.80 -3.23
N MET B 196 -11.92 13.63 -3.01
CA MET B 196 -11.44 14.54 -4.06
C MET B 196 -10.25 14.04 -4.89
N ALA B 197 -9.97 12.74 -4.80
CA ALA B 197 -8.83 12.14 -5.50
C ALA B 197 -8.58 12.66 -6.90
N HIS B 198 -9.63 12.74 -7.69
CA HIS B 198 -9.49 13.21 -9.06
C HIS B 198 -9.12 14.68 -9.21
N PHE B 199 -9.84 15.54 -8.50
CA PHE B 199 -9.60 16.98 -8.63
C PHE B 199 -8.74 17.64 -7.55
N ALA B 200 -8.07 16.83 -6.71
CA ALA B 200 -7.26 17.39 -5.64
C ALA B 200 -6.24 18.44 -6.10
N GLY B 201 -5.63 18.20 -7.26
CA GLY B 201 -4.65 19.15 -7.77
C GLY B 201 -5.30 20.47 -8.16
N LEU B 202 -6.50 20.41 -8.70
CA LEU B 202 -7.21 21.62 -9.11
C LEU B 202 -7.63 22.41 -7.87
N VAL B 203 -7.95 21.70 -6.79
CA VAL B 203 -8.34 22.34 -5.54
C VAL B 203 -7.13 23.05 -4.97
N ALA B 204 -5.98 22.38 -5.04
CA ALA B 204 -4.75 22.96 -4.54
C ALA B 204 -4.41 24.24 -5.29
N ALA B 205 -4.66 24.28 -6.60
CA ALA B 205 -4.34 25.44 -7.41
C ALA B 205 -5.42 26.52 -7.38
N GLY B 206 -6.52 26.24 -6.69
CA GLY B 206 -7.60 27.20 -6.57
C GLY B 206 -8.49 27.26 -7.81
N LEU B 207 -8.51 26.19 -8.58
CA LEU B 207 -9.30 26.14 -9.79
C LEU B 207 -10.52 25.25 -9.65
N HIS B 208 -10.78 24.79 -8.43
CA HIS B 208 -11.94 23.94 -8.16
C HIS B 208 -12.37 24.22 -6.71
N PRO B 209 -13.68 24.28 -6.45
CA PRO B 209 -14.13 24.55 -5.08
C PRO B 209 -13.47 23.62 -4.06
N ASN B 210 -13.06 24.19 -2.92
CA ASN B 210 -12.43 23.41 -1.85
C ASN B 210 -13.50 22.80 -0.95
N PRO B 211 -13.47 21.47 -0.74
CA PRO B 211 -14.47 20.84 0.12
C PRO B 211 -14.17 20.93 1.61
N LEU B 212 -12.92 21.26 1.96
CA LEU B 212 -12.51 21.29 3.36
C LEU B 212 -13.47 21.93 4.35
N PRO B 213 -13.96 23.15 4.03
CA PRO B 213 -14.84 23.77 5.02
C PRO B 213 -16.22 23.12 5.18
N TYR B 214 -16.69 22.41 4.15
CA TYR B 214 -18.01 21.81 4.21
C TYR B 214 -18.08 20.32 4.52
N ALA B 215 -17.03 19.57 4.22
CA ALA B 215 -17.05 18.14 4.48
C ALA B 215 -16.56 17.85 5.90
N HIS B 216 -17.05 16.76 6.50
CA HIS B 216 -16.55 16.38 7.82
C HIS B 216 -15.15 15.78 7.64
N VAL B 217 -14.98 15.06 6.52
CA VAL B 217 -13.70 14.42 6.20
C VAL B 217 -13.49 14.41 4.69
N VAL B 218 -12.23 14.57 4.29
CA VAL B 218 -11.88 14.57 2.88
C VAL B 218 -10.81 13.52 2.63
N THR B 219 -11.03 12.69 1.62
CA THR B 219 -10.06 11.67 1.25
C THR B 219 -9.53 12.02 -0.12
N SER B 220 -8.44 11.38 -0.50
CA SER B 220 -7.81 11.65 -1.76
C SER B 220 -6.64 10.72 -2.04
N THR B 221 -6.15 10.77 -3.26
CA THR B 221 -4.95 10.06 -3.66
C THR B 221 -3.92 11.18 -3.75
N THR B 222 -2.65 10.82 -3.74
CA THR B 222 -1.58 11.80 -3.89
C THR B 222 -1.12 11.79 -5.36
N HIS B 223 -1.52 10.77 -6.10
CA HIS B 223 -1.20 10.70 -7.50
C HIS B 223 -2.39 11.31 -8.22
N THR B 225 -4.21 14.37 -10.39
CA THR B 225 -3.91 15.81 -10.63
C THR B 225 -2.91 16.42 -9.65
N LEU B 226 -2.75 15.81 -8.48
CA LEU B 226 -1.81 16.30 -7.48
C LEU B 226 -0.38 15.96 -7.95
N ARG B 227 -0.29 15.09 -8.97
CA ARG B 227 0.99 14.72 -9.58
C ARG B 227 2.06 14.21 -8.60
N GLY B 228 1.62 13.49 -7.58
CA GLY B 228 2.55 12.94 -6.62
C GLY B 228 2.71 11.43 -6.74
N PRO B 229 3.37 10.81 -5.77
CA PRO B 229 3.53 9.36 -5.84
C PRO B 229 2.18 8.69 -5.61
N ARG B 230 2.13 7.40 -5.89
CA ARG B 230 0.91 6.63 -5.72
C ARG B 230 0.71 6.37 -4.23
N GLY B 231 -0.40 6.84 -3.69
CA GLY B 231 -0.66 6.69 -2.27
C GLY B 231 -1.93 7.39 -1.88
N GLY B 232 -2.26 7.35 -0.60
CA GLY B 232 -3.48 7.99 -0.13
C GLY B 232 -3.27 9.13 0.84
N LEU B 233 -4.36 9.81 1.13
CA LEU B 233 -4.33 10.98 2.01
C LEU B 233 -5.71 11.19 2.61
N ILE B 234 -5.75 11.67 3.84
CA ILE B 234 -7.02 11.98 4.51
C ILE B 234 -6.84 13.33 5.20
N LEU B 235 -7.85 14.19 5.08
CA LEU B 235 -7.79 15.53 5.66
C LEU B 235 -9.08 15.86 6.39
N SER B 236 -9.00 16.82 7.31
CA SER B 236 -10.19 17.25 8.05
C SER B 236 -9.94 18.56 8.80
N ASN B 237 -10.99 19.35 8.97
CA ASN B 237 -10.90 20.62 9.70
C ASN B 237 -11.24 20.35 11.16
N ASP B 238 -11.51 19.08 11.47
CA ASP B 238 -11.85 18.67 12.84
C ASP B 238 -10.82 17.67 13.40
N PRO B 239 -9.88 18.14 14.23
CA PRO B 239 -8.85 17.25 14.77
C PRO B 239 -9.32 16.15 15.72
N GLU B 240 -10.53 16.27 16.26
CA GLU B 240 -11.05 15.26 17.16
C GLU B 240 -11.46 14.07 16.30
N LEU B 241 -12.16 14.35 15.20
CA LEU B 241 -12.55 13.32 14.26
C LEU B 241 -11.26 12.70 13.71
N GLY B 242 -10.29 13.56 13.41
CA GLY B 242 -9.01 13.08 12.92
C GLY B 242 -8.34 12.03 13.81
N LYS B 243 -8.40 12.22 15.12
CA LYS B 243 -7.80 11.26 16.05
C LYS B 243 -8.45 9.89 15.96
N ARG B 244 -9.76 9.87 15.71
CA ARG B 244 -10.48 8.62 15.59
C ARG B 244 -10.01 7.92 14.33
N ILE B 245 -9.89 8.70 13.25
CA ILE B 245 -9.44 8.15 11.97
C ILE B 245 -8.00 7.63 12.00
N ASP B 246 -7.11 8.36 12.67
CA ASP B 246 -5.72 7.93 12.82
C ASP B 246 -5.68 6.50 13.36
N LYS B 247 -6.56 6.22 14.33
CA LYS B 247 -6.64 4.91 14.95
C LYS B 247 -7.10 3.84 13.98
N LEU B 248 -7.94 4.21 13.02
CA LEU B 248 -8.38 3.25 12.03
C LEU B 248 -7.31 2.93 11.00
N ILE B 249 -6.45 3.90 10.69
CA ILE B 249 -5.35 3.65 9.74
C ILE B 249 -4.36 2.69 10.41
N PHE B 250 -4.00 2.98 11.66
CA PHE B 250 -3.11 2.13 12.43
C PHE B 250 -3.49 2.22 13.91
N PRO B 251 -3.68 1.08 14.59
CA PRO B 251 -3.58 -0.32 14.15
C PRO B 251 -4.81 -0.89 13.43
N GLY B 252 -5.75 -0.03 13.08
CA GLY B 252 -6.96 -0.50 12.44
C GLY B 252 -6.80 -1.37 11.21
N ILE B 253 -6.44 -0.77 10.08
CA ILE B 253 -6.34 -1.51 8.82
C ILE B 253 -4.95 -1.69 8.18
N GLN B 254 -3.96 -0.95 8.66
CA GLN B 254 -2.61 -1.07 8.08
C GLN B 254 -1.62 -1.45 9.14
N GLY B 255 -0.43 -1.80 8.67
CA GLY B 255 0.66 -2.14 9.56
C GLY B 255 1.63 -1.00 9.42
N GLY B 256 2.84 -1.31 8.98
CA GLY B 256 3.85 -0.27 8.81
C GLY B 256 3.56 0.65 7.65
N PRO B 257 3.81 1.97 7.79
CA PRO B 257 3.59 2.86 6.65
C PRO B 257 4.76 2.79 5.67
N LEU B 258 4.52 3.22 4.43
CA LEU B 258 5.58 3.25 3.41
C LEU B 258 6.24 4.63 3.51
N GLU B 259 7.23 4.76 4.39
CA GLU B 259 7.87 6.07 4.64
C GLU B 259 8.59 6.71 3.46
N HIS B 260 9.10 5.86 2.56
CA HIS B 260 9.77 6.33 1.34
C HIS B 260 8.69 6.98 0.47
N VAL B 261 7.51 6.39 0.44
CA VAL B 261 6.42 6.97 -0.33
C VAL B 261 5.97 8.27 0.32
N ILE B 262 5.91 8.29 1.65
CA ILE B 262 5.53 9.49 2.38
C ILE B 262 6.50 10.65 2.12
N ALA B 263 7.77 10.33 1.98
CA ALA B 263 8.78 11.33 1.66
C ALA B 263 8.45 11.92 0.28
N GLY B 264 8.00 11.05 -0.63
CA GLY B 264 7.60 11.47 -1.96
C GLY B 264 6.38 12.38 -1.91
N LYS B 265 5.48 12.13 -0.96
CA LYS B 265 4.28 12.94 -0.81
C LYS B 265 4.68 14.36 -0.39
N ALA B 266 5.68 14.44 0.49
CA ALA B 266 6.15 15.73 1.00
C ALA B 266 6.73 16.54 -0.14
N VAL B 267 7.47 15.87 -1.02
CA VAL B 267 8.06 16.52 -2.19
C VAL B 267 6.93 17.00 -3.11
N ALA B 268 5.93 16.16 -3.31
CA ALA B 268 4.79 16.51 -4.15
C ALA B 268 4.03 17.72 -3.62
N PHE B 269 3.84 17.79 -2.30
CA PHE B 269 3.13 18.92 -1.71
C PHE B 269 4.00 20.17 -1.88
N PHE B 270 5.31 20.02 -1.77
CA PHE B 270 6.24 21.13 -1.95
C PHE B 270 6.07 21.65 -3.38
N GLU B 271 6.05 20.74 -4.35
CA GLU B 271 5.88 21.12 -5.75
C GLU B 271 4.53 21.80 -6.00
N ALA B 272 3.47 21.29 -5.36
CA ALA B 272 2.13 21.85 -5.51
C ALA B 272 2.01 23.26 -4.94
N LEU B 273 2.87 23.57 -3.98
CA LEU B 273 2.89 24.89 -3.35
C LEU B 273 3.60 25.96 -4.19
N GLN B 274 4.34 25.54 -5.21
CA GLN B 274 5.06 26.48 -6.06
C GLN B 274 4.14 27.14 -7.09
N PRO B 275 4.36 28.44 -7.37
CA PRO B 275 3.52 29.15 -8.34
C PRO B 275 3.34 28.40 -9.68
N GLU B 276 4.39 27.73 -10.14
CA GLU B 276 4.32 26.98 -11.40
C GLU B 276 3.21 25.91 -11.42
N PHE B 277 2.86 25.37 -10.25
CA PHE B 277 1.83 24.34 -10.21
C PHE B 277 0.47 24.92 -10.58
N LYS B 278 0.25 26.20 -10.25
CA LYS B 278 -1.01 26.84 -10.61
C LYS B 278 -1.07 27.03 -12.12
N GLU B 279 0.06 27.41 -12.72
CA GLU B 279 0.09 27.61 -14.17
C GLU B 279 -0.18 26.30 -14.88
N TYR B 280 0.46 25.24 -14.41
CA TYR B 280 0.24 23.90 -14.95
C TYR B 280 -1.25 23.53 -14.85
N SER B 281 -1.82 23.67 -13.65
CA SER B 281 -3.22 23.31 -13.42
C SER B 281 -4.17 24.07 -14.34
N ARG B 282 -3.88 25.35 -14.57
CA ARG B 282 -4.69 26.16 -15.46
C ARG B 282 -4.65 25.58 -16.87
N LEU B 283 -3.46 25.23 -17.33
CA LEU B 283 -3.31 24.63 -18.65
C LEU B 283 -4.00 23.26 -18.74
N VAL B 284 -4.03 22.52 -17.63
CA VAL B 284 -4.69 21.21 -17.62
C VAL B 284 -6.15 21.41 -18.03
N VAL B 285 -6.81 22.35 -17.37
CA VAL B 285 -8.21 22.63 -17.64
C VAL B 285 -8.44 23.20 -19.03
N GLU B 286 -7.60 24.13 -19.44
CA GLU B 286 -7.72 24.73 -20.76
C GLU B 286 -7.57 23.67 -21.83
N ASN B 287 -6.66 22.74 -21.61
CA ASN B 287 -6.46 21.67 -22.58
C ASN B 287 -7.70 20.78 -22.66
N ALA B 288 -8.30 20.49 -21.51
CA ALA B 288 -9.48 19.63 -21.45
C ALA B 288 -10.68 20.25 -22.16
N LYS B 289 -10.88 21.54 -21.95
CA LYS B 289 -11.99 22.26 -22.59
C LYS B 289 -11.79 22.31 -24.10
N ARG B 290 -10.60 22.69 -24.51
CA ARG B 290 -10.29 22.81 -25.93
C ARG B 290 -10.38 21.45 -26.63
N LEU B 291 -9.88 20.39 -26.00
CA LEU B 291 -9.90 19.08 -26.63
C LEU B 291 -11.33 18.58 -26.81
N ALA B 292 -12.16 18.80 -25.80
CA ALA B 292 -13.56 18.38 -25.85
C ALA B 292 -14.27 19.17 -26.94
N GLU B 293 -13.95 20.45 -27.02
CA GLU B 293 -14.52 21.34 -28.03
C GLU B 293 -14.17 20.85 -29.46
N GLU B 294 -12.90 20.54 -29.69
CA GLU B 294 -12.43 20.07 -30.99
C GLU B 294 -13.09 18.74 -31.37
N LEU B 295 -13.34 17.89 -30.38
CA LEU B 295 -13.98 16.60 -30.64
C LEU B 295 -15.46 16.80 -30.95
N ALA B 296 -16.08 17.78 -30.31
CA ALA B 296 -17.50 18.06 -30.54
C ALA B 296 -17.66 18.63 -31.94
N ARG B 297 -16.66 19.39 -32.39
CA ARG B 297 -16.70 19.97 -33.73
C ARG B 297 -16.65 18.88 -34.79
N ARG B 298 -16.11 17.72 -34.42
CA ARG B 298 -16.00 16.59 -35.35
C ARG B 298 -17.19 15.62 -35.25
N GLY B 299 -18.23 16.02 -34.52
CA GLY B 299 -19.42 15.19 -34.44
C GLY B 299 -19.53 14.29 -33.22
N TYR B 300 -18.57 14.38 -32.31
CA TYR B 300 -18.59 13.54 -31.11
C TYR B 300 -19.44 14.18 -30.01
N ARG B 301 -20.18 13.35 -29.28
CA ARG B 301 -21.03 13.86 -28.23
C ARG B 301 -20.31 13.82 -26.90
N ILE B 302 -20.16 14.99 -26.30
CA ILE B 302 -19.50 15.12 -25.02
C ILE B 302 -20.56 15.15 -23.92
N VAL B 303 -20.44 14.24 -22.96
CA VAL B 303 -21.38 14.16 -21.85
C VAL B 303 -21.44 15.50 -21.11
N THR B 304 -22.65 15.98 -20.84
CA THR B 304 -22.90 17.28 -20.21
C THR B 304 -22.50 18.45 -21.13
N GLY B 305 -22.06 18.13 -22.36
CA GLY B 305 -21.69 19.17 -23.30
C GLY B 305 -20.33 19.80 -23.14
N GLY B 306 -19.53 19.32 -22.18
CA GLY B 306 -18.20 19.88 -21.97
C GLY B 306 -17.62 19.46 -20.63
N THR B 307 -16.85 20.33 -20.00
CA THR B 307 -16.23 20.00 -18.70
C THR B 307 -15.75 21.23 -17.96
N ASP B 308 -15.74 21.15 -16.63
CA ASP B 308 -15.23 22.24 -15.81
C ASP B 308 -13.88 21.81 -15.25
N ASN B 309 -13.50 20.56 -15.46
CA ASN B 309 -12.24 20.08 -14.90
C ASN B 309 -11.24 19.51 -15.90
N HIS B 310 -10.51 18.50 -15.45
CA HIS B 310 -9.47 17.90 -16.25
C HIS B 310 -9.92 16.75 -17.14
N LEU B 311 -11.19 16.38 -17.06
CA LEU B 311 -11.63 15.24 -17.84
C LEU B 311 -12.98 15.44 -18.51
N PHE B 312 -13.28 14.54 -19.43
CA PHE B 312 -14.56 14.53 -20.11
C PHE B 312 -14.86 13.14 -20.62
N LEU B 313 -16.13 12.90 -20.93
CA LEU B 313 -16.59 11.60 -21.42
C LEU B 313 -17.14 11.74 -22.84
N VAL B 314 -16.86 10.76 -23.68
CA VAL B 314 -17.37 10.77 -25.05
C VAL B 314 -18.39 9.62 -25.18
N ASP B 315 -19.60 9.97 -25.64
CA ASP B 315 -20.66 9.00 -25.84
C ASP B 315 -20.48 8.47 -27.27
N LEU B 316 -20.11 7.20 -27.41
CA LEU B 316 -19.85 6.63 -28.74
C LEU B 316 -21.02 5.88 -29.40
N ARG B 317 -22.18 5.88 -28.76
CA ARG B 317 -23.34 5.20 -29.34
C ARG B 317 -23.70 5.70 -30.74
N PRO B 318 -23.75 7.02 -30.95
CA PRO B 318 -24.10 7.52 -32.29
C PRO B 318 -23.15 7.06 -33.39
N LYS B 319 -21.96 6.61 -33.00
CA LYS B 319 -20.94 6.16 -33.98
C LYS B 319 -20.82 4.64 -34.12
N GLY B 320 -21.68 3.90 -33.44
CA GLY B 320 -21.64 2.45 -33.53
C GLY B 320 -20.37 1.81 -32.99
N LEU B 321 -19.77 2.44 -31.98
CA LEU B 321 -18.56 1.90 -31.35
C LEU B 321 -18.77 1.71 -29.87
N THR B 322 -18.32 0.57 -29.35
CA THR B 322 -18.41 0.32 -27.93
C THR B 322 -17.13 0.89 -27.33
N GLY B 323 -17.18 1.19 -26.03
CA GLY B 323 -16.01 1.73 -25.38
C GLY B 323 -14.82 0.80 -25.49
N LYS B 324 -15.08 -0.50 -25.39
CA LYS B 324 -14.02 -1.50 -25.47
C LYS B 324 -13.32 -1.47 -26.82
N GLU B 325 -14.10 -1.27 -27.88
CA GLU B 325 -13.55 -1.20 -29.23
C GLU B 325 -12.74 0.09 -29.42
N ALA B 326 -13.29 1.20 -28.97
CA ALA B 326 -12.60 2.49 -29.10
C ALA B 326 -11.25 2.41 -28.41
N GLU B 327 -11.28 1.97 -27.17
CA GLU B 327 -10.07 1.82 -26.37
C GLU B 327 -9.02 0.98 -27.12
N GLU B 328 -9.44 -0.12 -27.72
CA GLU B 328 -8.51 -0.98 -28.44
C GLU B 328 -7.95 -0.34 -29.71
N ARG B 329 -8.78 0.37 -30.47
CA ARG B 329 -8.35 1.03 -31.70
C ARG B 329 -7.37 2.17 -31.41
N LEU B 330 -7.59 2.87 -30.30
CA LEU B 330 -6.73 3.98 -29.93
C LEU B 330 -5.41 3.44 -29.40
N ASP B 331 -5.50 2.40 -28.57
CA ASP B 331 -4.34 1.77 -27.98
C ASP B 331 -3.43 1.21 -29.08
N ALA B 332 -4.05 0.76 -30.18
CA ALA B 332 -3.30 0.21 -31.30
C ALA B 332 -2.37 1.23 -31.92
N VAL B 333 -2.74 2.51 -31.85
CA VAL B 333 -1.91 3.58 -32.41
C VAL B 333 -1.13 4.41 -31.37
N GLY B 334 -1.09 3.95 -30.12
CA GLY B 334 -0.33 4.66 -29.10
C GLY B 334 -1.10 5.67 -28.28
N ILE B 335 -2.41 5.70 -28.41
CA ILE B 335 -3.23 6.64 -27.66
C ILE B 335 -4.00 5.84 -26.63
N THR B 336 -3.62 6.00 -25.36
CA THR B 336 -4.26 5.25 -24.31
C THR B 336 -5.32 6.07 -23.57
N VAL B 337 -6.46 5.42 -23.43
CA VAL B 337 -7.62 5.97 -22.74
C VAL B 337 -8.16 4.77 -21.99
N ASN B 338 -9.40 4.86 -21.53
CA ASN B 338 -10.03 3.72 -20.89
C ASN B 338 -11.51 3.81 -21.20
N LYS B 339 -12.10 2.67 -21.53
CA LYS B 339 -13.52 2.60 -21.80
C LYS B 339 -14.19 3.01 -20.50
N ASN B 340 -15.30 3.71 -20.61
CA ASN B 340 -15.97 4.19 -19.43
C ASN B 340 -17.49 4.16 -19.66
N ALA B 341 -18.22 3.74 -18.64
CA ALA B 341 -19.67 3.71 -18.74
C ALA B 341 -20.15 5.15 -18.78
N ILE B 342 -21.25 5.41 -19.47
CA ILE B 342 -21.83 6.75 -19.54
C ILE B 342 -23.17 6.74 -18.81
N PRO B 343 -23.70 7.91 -18.44
CA PRO B 343 -24.99 7.87 -17.73
C PRO B 343 -26.07 7.11 -18.51
N PHE B 344 -26.77 6.20 -17.84
CA PHE B 344 -27.83 5.42 -18.48
C PHE B 344 -27.26 4.65 -19.66
N ASP B 345 -26.12 4.01 -19.41
CA ASP B 345 -25.43 3.21 -20.41
C ASP B 345 -26.18 1.90 -20.68
N PRO B 346 -26.63 1.68 -21.93
CA PRO B 346 -27.34 0.42 -22.21
C PRO B 346 -26.45 -0.82 -22.16
N LYS B 347 -25.16 -0.66 -22.43
CA LYS B 347 -24.23 -1.79 -22.44
C LYS B 347 -23.62 -2.13 -21.08
N PRO B 348 -23.28 -3.41 -20.84
CA PRO B 348 -22.68 -3.84 -19.57
C PRO B 348 -21.35 -3.14 -19.30
N PRO B 349 -20.88 -3.14 -18.04
CA PRO B 349 -19.62 -2.48 -17.68
C PRO B 349 -18.38 -3.04 -18.40
N ARG B 350 -18.41 -4.32 -18.75
CA ARG B 350 -17.28 -4.96 -19.43
C ARG B 350 -17.11 -4.47 -20.87
N VAL B 351 -18.15 -3.83 -21.41
CA VAL B 351 -18.12 -3.32 -22.78
C VAL B 351 -18.24 -1.79 -22.86
N THR B 352 -19.24 -1.25 -22.17
CA THR B 352 -19.50 0.20 -22.13
C THR B 352 -19.76 0.83 -23.49
N SER B 353 -20.33 2.04 -23.44
CA SER B 353 -20.67 2.81 -24.64
C SER B 353 -19.85 4.08 -24.80
N GLY B 354 -18.82 4.26 -23.99
CA GLY B 354 -18.02 5.46 -24.11
C GLY B 354 -16.59 5.32 -23.63
N ILE B 355 -15.84 6.41 -23.76
CA ILE B 355 -14.46 6.45 -23.31
C ILE B 355 -14.25 7.71 -22.49
N ARG B 356 -13.33 7.62 -21.54
CA ARG B 356 -13.01 8.76 -20.69
C ARG B 356 -11.64 9.29 -21.11
N ILE B 357 -11.52 10.61 -21.19
CA ILE B 357 -10.27 11.25 -21.57
C ILE B 357 -9.89 12.37 -20.58
N GLY B 358 -8.61 12.49 -20.24
CA GLY B 358 -8.14 13.51 -19.34
C GLY B 358 -6.80 14.03 -19.83
N THR B 359 -6.49 15.28 -19.52
CA THR B 359 -5.28 15.92 -19.99
C THR B 359 -4.14 16.15 -18.99
N PRO B 360 -4.30 15.78 -17.71
CA PRO B 360 -3.17 16.07 -16.83
C PRO B 360 -1.82 15.54 -17.31
N ALA B 361 -1.79 14.31 -17.82
CA ALA B 361 -0.54 13.69 -18.26
C ALA B 361 0.11 14.40 -19.43
N ILE B 362 -0.63 14.68 -20.49
CA ILE B 362 -0.03 15.35 -21.63
C ILE B 362 0.33 16.80 -21.31
N THR B 363 -0.41 17.42 -20.39
CA THR B 363 -0.10 18.79 -20.02
C THR B 363 1.25 18.82 -19.29
N THR B 364 1.55 17.76 -18.52
CA THR B 364 2.84 17.72 -17.83
C THR B 364 3.95 17.67 -18.86
N ARG B 365 3.68 17.02 -19.99
CA ARG B 365 4.64 16.90 -21.08
C ARG B 365 4.73 18.16 -21.93
N GLY B 366 4.06 19.23 -21.51
CA GLY B 366 4.14 20.48 -22.23
C GLY B 366 3.17 20.72 -23.38
N PHE B 367 2.10 19.94 -23.50
CA PHE B 367 1.14 20.17 -24.56
C PHE B 367 0.34 21.44 -24.23
N THR B 368 0.02 22.21 -25.26
CA THR B 368 -0.72 23.48 -25.11
C THR B 368 -2.06 23.43 -25.83
N PRO B 369 -3.00 24.32 -25.48
CA PRO B 369 -4.30 24.29 -26.13
C PRO B 369 -4.26 24.35 -27.66
N GLU B 370 -3.22 24.99 -28.21
CA GLU B 370 -3.08 25.12 -29.66
C GLU B 370 -2.75 23.79 -30.33
N GLU B 371 -2.36 22.79 -29.54
CA GLU B 371 -2.04 21.48 -30.08
C GLU B 371 -3.21 20.51 -30.00
N MET B 372 -4.24 20.90 -29.27
CA MET B 372 -5.41 20.03 -29.13
C MET B 372 -6.07 19.72 -30.48
N PRO B 373 -6.22 20.71 -31.37
CA PRO B 373 -6.81 20.32 -32.66
C PRO B 373 -6.10 19.15 -33.34
N LEU B 374 -4.80 19.04 -33.14
CA LEU B 374 -4.02 17.96 -33.74
C LEU B 374 -4.27 16.63 -33.05
N VAL B 375 -4.38 16.67 -31.73
CA VAL B 375 -4.65 15.45 -30.98
C VAL B 375 -6.05 14.96 -31.34
N ALA B 376 -6.98 15.91 -31.46
CA ALA B 376 -8.35 15.60 -31.83
C ALA B 376 -8.43 14.88 -33.17
N GLU B 377 -7.60 15.30 -34.12
CA GLU B 377 -7.59 14.67 -35.44
C GLU B 377 -7.10 13.22 -35.43
N LEU B 378 -6.12 12.93 -34.59
CA LEU B 378 -5.54 11.57 -34.49
C LEU B 378 -6.53 10.61 -33.84
N ILE B 379 -7.25 11.11 -32.85
CA ILE B 379 -8.26 10.30 -32.17
C ILE B 379 -9.37 9.93 -33.18
N ASP B 380 -9.88 10.95 -33.86
CA ASP B 380 -10.95 10.81 -34.86
C ASP B 380 -10.60 9.77 -35.93
N ARG B 381 -9.42 9.88 -36.52
CA ARG B 381 -8.97 8.95 -37.55
C ARG B 381 -8.84 7.53 -37.03
N ALA B 382 -8.28 7.39 -35.84
CA ALA B 382 -8.10 6.07 -35.24
C ALA B 382 -9.45 5.39 -35.06
N LEU B 383 -10.49 6.17 -34.76
CA LEU B 383 -11.83 5.62 -34.55
C LEU B 383 -12.61 5.34 -35.83
N LEU B 384 -12.39 6.15 -36.85
CA LEU B 384 -13.12 5.97 -38.11
C LEU B 384 -12.38 5.06 -39.09
N GLU B 385 -11.09 5.31 -39.27
CA GLU B 385 -10.26 4.55 -40.20
C GLU B 385 -9.60 3.36 -39.54
N GLY B 386 -9.59 3.33 -38.22
CA GLY B 386 -8.97 2.23 -37.50
C GLY B 386 -7.47 2.35 -37.46
N PRO B 387 -6.77 1.39 -36.83
CA PRO B 387 -5.31 1.46 -36.74
C PRO B 387 -4.60 1.31 -38.08
N SER B 388 -3.40 1.88 -38.16
CA SER B 388 -2.58 1.80 -39.36
C SER B 388 -1.19 2.29 -39.00
N GLU B 389 -0.19 1.72 -39.64
CA GLU B 389 1.21 2.08 -39.38
C GLU B 389 1.51 3.58 -39.50
N ALA B 390 0.97 4.21 -40.53
CA ALA B 390 1.19 5.63 -40.78
C ALA B 390 0.62 6.49 -39.66
N LEU B 391 -0.49 6.05 -39.09
CA LEU B 391 -1.15 6.76 -38.02
C LEU B 391 -0.35 6.61 -36.74
N ARG B 392 0.12 5.39 -36.47
CA ARG B 392 0.93 5.12 -35.30
C ARG B 392 2.18 6.01 -35.29
N GLU B 393 2.79 6.15 -36.46
CA GLU B 393 3.99 6.98 -36.61
C GLU B 393 3.73 8.44 -36.34
N GLU B 394 2.59 8.93 -36.78
CA GLU B 394 2.25 10.33 -36.58
C GLU B 394 2.08 10.58 -35.09
N VAL B 395 1.50 9.62 -34.38
CA VAL B 395 1.34 9.72 -32.94
C VAL B 395 2.72 9.76 -32.28
N ARG B 396 3.57 8.81 -32.66
CA ARG B 396 4.92 8.74 -32.13
C ARG B 396 5.65 10.08 -32.30
N ARG B 397 5.65 10.62 -33.50
CA ARG B 397 6.35 11.89 -33.76
C ARG B 397 5.82 13.02 -32.90
N LEU B 398 4.51 13.10 -32.74
CA LEU B 398 3.93 14.16 -31.93
C LEU B 398 4.39 14.02 -30.48
N ALA B 399 4.30 12.79 -29.95
CA ALA B 399 4.71 12.50 -28.59
C ALA B 399 6.19 12.81 -28.33
N LEU B 400 7.06 12.34 -29.22
CA LEU B 400 8.50 12.52 -29.05
C LEU B 400 8.93 13.99 -29.07
N ALA B 401 8.12 14.84 -29.68
CA ALA B 401 8.43 16.27 -29.74
C ALA B 401 8.20 16.95 -28.37
N HIS B 402 7.66 16.19 -27.43
CA HIS B 402 7.39 16.71 -26.09
C HIS B 402 8.20 15.88 -25.08
N PRO B 403 8.96 16.54 -24.19
CA PRO B 403 9.77 15.77 -23.25
C PRO B 403 8.98 15.17 -22.09
N MET B 404 9.62 14.27 -21.37
CA MET B 404 9.02 13.67 -20.19
C MET B 404 9.82 14.15 -18.99
N PRO B 405 9.16 14.31 -17.83
CA PRO B 405 9.87 14.81 -16.64
C PRO B 405 11.07 13.94 -16.26
#